data_6VZD
#
_entry.id   6VZD
#
_cell.length_a   49.793
_cell.length_b   66.124
_cell.length_c   59.620
_cell.angle_alpha   90.000
_cell.angle_beta   97.370
_cell.angle_gamma   90.000
#
_symmetry.space_group_name_H-M   'P 1 21 1'
#
loop_
_entity.id
_entity.type
_entity.pdbx_description
1 polymer 'Pulmonary surfactant-associated protein B'
2 non-polymer '(7Z,19R,22R)-25-amino-22-hydroxy-16,22-dioxo-17,21,23-trioxa-22lambda~5~-phosphapentacos-7-en-19-yl (9Z)-octadec-9-enoate'
3 water water
#
_entity_poly.entity_id   1
_entity_poly.type   'polypeptide(L)'
_entity_poly.pdbx_seq_one_letter_code
;SHAGANDLCQECEDIVHLLTKMTKEDAFQEAIRKFLEQECDILPLELLVPECRQVLDVYLPLVIDYFQSQINPKAICNHV
GLCPRGQ
;
_entity_poly.pdbx_strand_id   A,E,B,C
#
loop_
_chem_comp.id
_chem_comp.type
_chem_comp.name
_chem_comp.formula
RXY non-polymer '(7Z,19R,22R)-25-amino-22-hydroxy-16,22-dioxo-17,21,23-trioxa-22lambda~5~-phosphapentacos-7-en-19-yl (9Z)-octadec-9-enoate' 'C39 H74 N O8 P'
#
# COMPACT_ATOMS: atom_id res chain seq x y z
N ASN A 6 -0.95 -2.09 18.81
CA ASN A 6 -0.86 -1.07 17.78
C ASN A 6 0.44 -1.21 16.99
N ASP A 7 0.33 -1.41 15.69
CA ASP A 7 1.50 -1.46 14.79
C ASP A 7 1.54 -0.13 14.07
N LEU A 8 2.30 0.82 14.63
CA LEU A 8 2.39 2.16 14.04
C LEU A 8 2.95 2.09 12.63
N CYS A 9 3.87 1.17 12.37
CA CYS A 9 4.45 1.07 11.04
C CYS A 9 3.39 0.68 10.01
N GLN A 10 2.65 -0.40 10.26
CA GLN A 10 1.61 -0.80 9.33
C GLN A 10 0.52 0.27 9.23
N GLU A 11 0.17 0.91 10.35
CA GLU A 11 -0.85 1.95 10.31
C GLU A 11 -0.41 3.11 9.43
N CYS A 12 0.87 3.48 9.52
CA CYS A 12 1.41 4.52 8.66
C CYS A 12 1.39 4.07 7.20
N GLU A 13 1.81 2.84 6.93
CA GLU A 13 1.80 2.34 5.55
C GLU A 13 0.38 2.30 5.01
N ASP A 14 -0.60 1.95 5.84
CA ASP A 14 -1.99 1.96 5.36
C ASP A 14 -2.48 3.36 5.03
N ILE A 15 -2.10 4.35 5.84
CA ILE A 15 -2.44 5.74 5.50
C ILE A 15 -1.83 6.12 4.16
N VAL A 16 -0.55 5.77 3.94
CA VAL A 16 0.09 6.08 2.67
C VAL A 16 -0.65 5.42 1.53
N HIS A 17 -1.02 4.14 1.70
CA HIS A 17 -1.76 3.44 0.66
C HIS A 17 -3.07 4.15 0.34
N LEU A 18 -3.80 4.56 1.36
CA LEU A 18 -5.06 5.27 1.11
C LEU A 18 -4.83 6.61 0.43
N LEU A 19 -3.79 7.34 0.81
CA LEU A 19 -3.50 8.61 0.14
C LEU A 19 -3.22 8.39 -1.35
N THR A 20 -2.51 7.33 -1.71
CA THR A 20 -2.24 7.07 -3.11
CA THR A 20 -2.24 7.08 -3.11
C THR A 20 -3.52 6.81 -3.88
N LYS A 21 -4.52 6.19 -3.24
CA LYS A 21 -5.80 5.98 -3.92
C LYS A 21 -6.56 7.29 -4.05
N MET A 22 -6.62 8.06 -2.97
CA MET A 22 -7.44 9.26 -2.97
C MET A 22 -6.90 10.29 -3.96
N THR A 23 -5.57 10.43 -4.04
CA THR A 23 -4.96 11.46 -4.87
C THR A 23 -5.07 11.14 -6.36
N LYS A 24 -5.48 9.93 -6.71
CA LYS A 24 -5.76 9.65 -8.12
C LYS A 24 -7.02 10.35 -8.62
N GLU A 25 -7.91 10.78 -7.72
CA GLU A 25 -9.23 11.27 -8.12
C GLU A 25 -9.24 12.78 -8.29
N ASP A 26 -9.77 13.25 -9.42
CA ASP A 26 -9.95 14.69 -9.59
C ASP A 26 -10.83 15.28 -8.48
N ALA A 27 -11.84 14.54 -8.03
CA ALA A 27 -12.74 15.09 -7.03
C ALA A 27 -12.03 15.32 -5.70
N PHE A 28 -11.02 14.50 -5.40
CA PHE A 28 -10.23 14.75 -4.19
C PHE A 28 -9.49 16.08 -4.29
N GLN A 29 -8.82 16.32 -5.42
CA GLN A 29 -8.12 17.59 -5.60
C GLN A 29 -9.08 18.77 -5.50
N GLU A 30 -10.27 18.65 -6.12
CA GLU A 30 -11.25 19.74 -6.10
C GLU A 30 -11.71 20.05 -4.68
N ALA A 31 -12.06 19.01 -3.94
CA ALA A 31 -12.60 19.21 -2.60
C ALA A 31 -11.54 19.82 -1.69
N ILE A 32 -10.33 19.25 -1.69
CA ILE A 32 -9.30 19.74 -0.79
C ILE A 32 -8.89 21.15 -1.18
N ARG A 33 -8.78 21.44 -2.47
CA ARG A 33 -8.43 22.79 -2.86
C ARG A 33 -9.49 23.78 -2.36
N LYS A 34 -10.77 23.46 -2.55
CA LYS A 34 -11.83 24.38 -2.18
C LYS A 34 -11.82 24.62 -0.69
N PHE A 35 -11.63 23.55 0.09
CA PHE A 35 -11.54 23.68 1.52
C PHE A 35 -10.34 24.54 1.94
N LEU A 36 -9.17 24.31 1.32
CA LEU A 36 -7.99 25.04 1.78
C LEU A 36 -8.01 26.48 1.27
N GLU A 37 -8.60 26.73 0.09
CA GLU A 37 -8.77 28.11 -0.35
C GLU A 37 -9.60 28.89 0.65
N GLN A 38 -10.65 28.26 1.20
CA GLN A 38 -11.48 28.92 2.19
C GLN A 38 -10.70 29.15 3.48
N GLU A 39 -9.94 28.15 3.93
CA GLU A 39 -9.19 28.32 5.17
C GLU A 39 -8.08 29.35 5.06
N CYS A 40 -7.46 29.47 3.87
CA CYS A 40 -6.42 30.46 3.67
C CYS A 40 -6.91 31.88 3.85
N ASP A 41 -8.20 32.12 3.69
CA ASP A 41 -8.80 33.44 3.78
C ASP A 41 -9.22 33.82 5.19
N ILE A 42 -9.08 32.93 6.16
CA ILE A 42 -9.56 33.20 7.51
C ILE A 42 -8.55 32.70 8.53
N LEU A 43 -8.77 33.07 9.78
CA LEU A 43 -7.93 32.57 10.85
C LEU A 43 -8.24 31.12 11.13
N PRO A 44 -7.23 30.32 11.52
CA PRO A 44 -5.85 30.72 11.79
C PRO A 44 -4.90 30.70 10.59
N LEU A 45 -5.26 29.97 9.53
CA LEU A 45 -4.27 29.68 8.50
C LEU A 45 -3.77 30.93 7.80
N GLU A 46 -4.63 31.95 7.66
CA GLU A 46 -4.20 33.14 6.92
C GLU A 46 -3.02 33.81 7.58
N LEU A 47 -2.89 33.67 8.90
CA LEU A 47 -1.75 34.23 9.61
C LEU A 47 -0.62 33.24 9.77
N LEU A 48 -0.94 31.95 9.91
CA LEU A 48 0.11 30.95 10.09
C LEU A 48 0.96 30.77 8.84
N VAL A 49 0.35 30.93 7.67
CA VAL A 49 1.03 30.71 6.39
C VAL A 49 0.87 31.97 5.55
N PRO A 50 1.84 32.86 5.57
CA PRO A 50 1.76 34.06 4.72
C PRO A 50 1.67 33.65 3.26
N GLU A 51 0.94 34.46 2.49
CA GLU A 51 0.72 34.16 1.07
C GLU A 51 0.10 32.77 0.92
N CYS A 52 -0.86 32.46 1.79
CA CYS A 52 -1.41 31.12 1.92
C CYS A 52 -1.90 30.58 0.58
N ARG A 53 -2.71 31.37 -0.15
CA ARG A 53 -3.21 30.89 -1.43
C ARG A 53 -2.09 30.59 -2.42
N GLN A 54 -1.00 31.35 -2.38
CA GLN A 54 0.11 31.07 -3.28
C GLN A 54 0.81 29.78 -2.86
N VAL A 55 0.95 29.56 -1.55
CA VAL A 55 1.55 28.32 -1.06
C VAL A 55 0.69 27.12 -1.43
N LEU A 56 -0.64 27.28 -1.38
CA LEU A 56 -1.56 26.22 -1.78
C LEU A 56 -1.41 25.90 -3.26
N ASP A 57 -1.37 26.93 -4.12
CA ASP A 57 -1.26 26.69 -5.55
C ASP A 57 0.03 25.98 -5.92
N VAL A 58 1.12 26.25 -5.18
CA VAL A 58 2.40 25.61 -5.47
C VAL A 58 2.41 24.17 -5.00
N TYR A 59 2.00 23.94 -3.75
CA TYR A 59 2.30 22.67 -3.12
C TYR A 59 1.18 21.62 -3.23
N LEU A 60 -0.09 22.01 -3.40
CA LEU A 60 -1.13 20.99 -3.54
C LEU A 60 -0.89 20.13 -4.78
N PRO A 61 -0.58 20.68 -5.96
CA PRO A 61 -0.24 19.81 -7.08
C PRO A 61 0.96 18.93 -6.79
N LEU A 62 1.99 19.48 -6.15
CA LEU A 62 3.20 18.70 -5.91
C LEU A 62 2.91 17.52 -4.99
N VAL A 63 2.06 17.72 -3.97
CA VAL A 63 1.77 16.63 -3.04
C VAL A 63 0.90 15.59 -3.72
N ILE A 64 -0.07 16.03 -4.52
CA ILE A 64 -0.91 15.09 -5.27
C ILE A 64 -0.04 14.25 -6.20
N ASP A 65 0.86 14.89 -6.94
CA ASP A 65 1.72 14.16 -7.86
C ASP A 65 2.61 13.17 -7.11
N TYR A 66 3.11 13.57 -5.93
CA TYR A 66 4.01 12.73 -5.16
C TYR A 66 3.36 11.40 -4.80
N PHE A 67 2.14 11.44 -4.28
CA PHE A 67 1.50 10.20 -3.88
C PHE A 67 1.04 9.39 -5.10
N GLN A 68 1.11 9.94 -6.29
CA GLN A 68 0.88 9.20 -7.53
C GLN A 68 2.16 8.64 -8.15
N SER A 69 3.33 8.95 -7.60
CA SER A 69 4.59 8.54 -8.22
C SER A 69 5.09 7.22 -7.61
N GLN A 70 6.28 6.80 -8.02
CA GLN A 70 6.89 5.56 -7.52
C GLN A 70 7.48 5.89 -6.17
N ILE A 71 6.72 5.63 -5.11
CA ILE A 71 7.16 5.93 -3.75
C ILE A 71 7.38 4.63 -3.00
N ASN A 72 8.09 4.75 -1.88
CA ASN A 72 8.49 3.61 -1.04
C ASN A 72 7.84 3.81 0.32
N PRO A 73 6.70 3.17 0.58
CA PRO A 73 5.93 3.53 1.79
C PRO A 73 6.64 3.22 3.09
N LYS A 74 7.36 2.10 3.16
CA LYS A 74 8.09 1.83 4.40
C LYS A 74 9.19 2.88 4.61
N ALA A 75 9.86 3.29 3.53
CA ALA A 75 10.91 4.29 3.65
C ALA A 75 10.33 5.63 4.11
N ILE A 76 9.18 6.02 3.54
CA ILE A 76 8.49 7.24 3.98
C ILE A 76 8.16 7.15 5.46
N CYS A 77 7.55 6.04 5.87
CA CYS A 77 7.17 5.85 7.26
C CYS A 77 8.38 5.76 8.16
N ASN A 78 9.48 5.20 7.65
CA ASN A 78 10.73 5.24 8.39
C ASN A 78 11.25 6.67 8.52
N HIS A 79 11.08 7.47 7.46
CA HIS A 79 11.53 8.86 7.48
C HIS A 79 10.84 9.65 8.59
N VAL A 80 9.53 9.42 8.81
CA VAL A 80 8.81 10.14 9.85
C VAL A 80 8.91 9.45 11.21
N GLY A 81 9.66 8.35 11.31
CA GLY A 81 9.99 7.76 12.60
C GLY A 81 9.03 6.69 13.08
N LEU A 82 8.17 6.19 12.19
CA LEU A 82 7.12 5.25 12.59
C LEU A 82 7.38 3.82 12.16
N CYS A 83 8.37 3.57 11.30
CA CYS A 83 8.81 2.22 10.96
C CYS A 83 10.30 2.08 11.30
N PRO A 84 10.76 0.92 11.76
CA PRO A 84 12.19 0.77 12.04
C PRO A 84 13.02 0.56 10.77
N ALA B 3 -16.82 5.73 -9.36
CA ALA B 3 -16.49 4.61 -8.47
C ALA B 3 -15.33 5.01 -7.57
N GLY B 4 -14.24 5.46 -8.18
CA GLY B 4 -13.13 5.99 -7.40
C GLY B 4 -13.56 7.15 -6.54
N ALA B 5 -14.32 8.09 -7.11
CA ALA B 5 -14.68 9.29 -6.38
C ALA B 5 -15.68 9.00 -5.26
N ASN B 6 -16.58 8.04 -5.45
CA ASN B 6 -17.53 7.71 -4.40
C ASN B 6 -16.87 6.98 -3.24
N ASP B 7 -15.67 6.43 -3.43
CA ASP B 7 -14.94 5.80 -2.34
C ASP B 7 -14.16 6.79 -1.48
N LEU B 8 -14.12 8.07 -1.87
CA LEU B 8 -13.28 9.04 -1.16
C LEU B 8 -13.73 9.24 0.26
N CYS B 9 -15.05 9.22 0.50
CA CYS B 9 -15.56 9.39 1.85
C CYS B 9 -15.08 8.29 2.78
N GLN B 10 -15.26 7.04 2.38
CA GLN B 10 -14.79 5.93 3.21
C GLN B 10 -13.27 5.93 3.37
N GLU B 11 -12.54 6.21 2.29
CA GLU B 11 -11.09 6.29 2.39
C GLU B 11 -10.64 7.37 3.37
N CYS B 12 -11.28 8.54 3.32
CA CYS B 12 -10.96 9.57 4.29
C CYS B 12 -11.27 9.11 5.70
N GLU B 13 -12.43 8.44 5.89
CA GLU B 13 -12.82 7.99 7.21
C GLU B 13 -11.88 6.90 7.72
N ASP B 14 -11.36 6.07 6.81
CA ASP B 14 -10.38 5.06 7.20
C ASP B 14 -9.07 5.72 7.65
N ILE B 15 -8.65 6.79 6.99
CA ILE B 15 -7.46 7.53 7.45
C ILE B 15 -7.70 8.09 8.83
N VAL B 16 -8.88 8.69 9.05
CA VAL B 16 -9.19 9.27 10.36
C VAL B 16 -9.18 8.17 11.42
N HIS B 17 -9.77 7.01 11.11
CA HIS B 17 -9.78 5.91 12.07
C HIS B 17 -8.36 5.49 12.43
N LEU B 18 -7.49 5.36 11.43
CA LEU B 18 -6.09 5.05 11.69
C LEU B 18 -5.44 6.11 12.57
N LEU B 19 -5.72 7.39 12.31
CA LEU B 19 -5.11 8.43 13.13
C LEU B 19 -5.59 8.34 14.58
N THR B 20 -6.86 8.00 14.80
CA THR B 20 -7.34 7.89 16.17
CA THR B 20 -7.35 7.88 16.17
C THR B 20 -6.61 6.78 16.91
N LYS B 21 -6.26 5.70 16.20
CA LYS B 21 -5.52 4.63 16.86
C LYS B 21 -4.09 5.08 17.14
N MET B 22 -3.43 5.66 16.13
CA MET B 22 -2.03 6.02 16.27
C MET B 22 -1.81 7.08 17.35
N THR B 23 -2.71 8.06 17.44
CA THR B 23 -2.55 9.14 18.40
C THR B 23 -2.68 8.66 19.84
N LYS B 24 -3.19 7.45 20.05
CA LYS B 24 -3.20 6.87 21.39
C LYS B 24 -1.83 6.33 21.80
N GLU B 25 -0.86 6.31 20.90
CA GLU B 25 0.49 5.85 21.20
C GLU B 25 1.38 7.07 21.38
N ASP B 26 1.94 7.24 22.57
CA ASP B 26 2.86 8.36 22.76
C ASP B 26 4.08 8.26 21.86
N ALA B 27 4.44 7.04 21.43
CA ALA B 27 5.50 6.92 20.43
C ALA B 27 5.14 7.62 19.13
N PHE B 28 3.84 7.68 18.80
CA PHE B 28 3.42 8.40 17.61
C PHE B 28 3.66 9.90 17.78
N GLN B 29 3.23 10.47 18.92
CA GLN B 29 3.41 11.90 19.14
CA GLN B 29 3.41 11.90 19.11
C GLN B 29 4.88 12.28 19.10
N GLU B 30 5.72 11.48 19.75
CA GLU B 30 7.15 11.76 19.80
C GLU B 30 7.77 11.72 18.42
N ALA B 31 7.42 10.71 17.63
CA ALA B 31 8.00 10.58 16.29
C ALA B 31 7.60 11.76 15.41
N ILE B 32 6.31 12.09 15.41
CA ILE B 32 5.85 13.19 14.55
C ILE B 32 6.42 14.52 15.04
N ARG B 33 6.45 14.75 16.36
CA ARG B 33 7.05 15.97 16.87
C ARG B 33 8.51 16.10 16.40
N LYS B 34 9.31 15.06 16.65
CA LYS B 34 10.73 15.13 16.30
C LYS B 34 10.92 15.36 14.81
N PHE B 35 10.11 14.70 13.99
CA PHE B 35 10.22 14.88 12.54
C PHE B 35 9.87 16.30 12.14
N LEU B 36 8.77 16.83 12.66
CA LEU B 36 8.37 18.18 12.29
C LEU B 36 9.33 19.23 12.87
N GLU B 37 9.88 18.99 14.05
CA GLU B 37 10.89 19.90 14.58
C GLU B 37 12.07 20.01 13.63
N GLN B 38 12.53 18.88 13.07
CA GLN B 38 13.62 18.92 12.11
C GLN B 38 13.20 19.64 10.84
N GLU B 39 11.98 19.39 10.35
CA GLU B 39 11.53 20.04 9.13
C GLU B 39 11.34 21.54 9.33
N CYS B 40 10.93 21.96 10.53
CA CYS B 40 10.79 23.38 10.79
C CYS B 40 12.12 24.10 10.63
N ASP B 41 13.23 23.41 10.85
CA ASP B 41 14.54 24.05 10.87
C ASP B 41 15.20 24.11 9.50
N ILE B 42 14.55 23.60 8.46
CA ILE B 42 15.15 23.54 7.14
C ILE B 42 14.15 24.05 6.11
N LEU B 43 14.66 24.36 4.92
CA LEU B 43 13.82 24.82 3.84
C LEU B 43 13.00 23.66 3.28
N PRO B 44 11.79 23.93 2.75
CA PRO B 44 11.15 25.24 2.65
C PRO B 44 10.32 25.64 3.87
N LEU B 45 10.10 24.71 4.81
CA LEU B 45 9.11 24.96 5.84
C LEU B 45 9.52 26.11 6.76
N GLU B 46 10.81 26.27 7.02
CA GLU B 46 11.24 27.34 7.92
C GLU B 46 10.78 28.70 7.43
N LEU B 47 10.64 28.87 6.12
CA LEU B 47 10.10 30.11 5.55
C LEU B 47 8.60 30.06 5.27
N LEU B 48 8.03 28.90 4.95
CA LEU B 48 6.60 28.85 4.66
C LEU B 48 5.77 29.14 5.90
N VAL B 49 6.24 28.71 7.06
CA VAL B 49 5.57 28.91 8.34
C VAL B 49 6.52 29.65 9.28
N PRO B 50 6.40 30.97 9.36
CA PRO B 50 7.20 31.73 10.32
C PRO B 50 6.98 31.21 11.73
N GLU B 51 8.03 31.27 12.55
CA GLU B 51 7.96 30.76 13.91
C GLU B 51 7.49 29.29 13.90
N CYS B 52 7.99 28.55 12.92
CA CYS B 52 7.51 27.18 12.68
C CYS B 52 7.51 26.36 13.96
N ARG B 53 8.61 26.42 14.71
CA ARG B 53 8.72 25.61 15.92
C ARG B 53 7.69 26.02 16.97
N GLN B 54 7.38 27.32 17.07
CA GLN B 54 6.38 27.76 18.04
C GLN B 54 4.98 27.32 17.62
N VAL B 55 4.68 27.44 16.33
CA VAL B 55 3.42 26.93 15.80
C VAL B 55 3.27 25.45 16.10
N LEU B 56 4.35 24.68 15.88
CA LEU B 56 4.34 23.24 16.15
C LEU B 56 4.10 22.98 17.63
N ASP B 57 4.82 23.69 18.50
CA ASP B 57 4.67 23.47 19.93
C ASP B 57 3.23 23.69 20.39
N VAL B 58 2.52 24.60 19.74
CA VAL B 58 1.16 24.93 20.15
C VAL B 58 0.14 23.98 19.53
N TYR B 59 0.26 23.74 18.23
CA TYR B 59 -0.82 23.06 17.52
C TYR B 59 -0.71 21.55 17.49
N LEU B 60 0.50 20.97 17.58
CA LEU B 60 0.59 19.51 17.55
C LEU B 60 -0.16 18.87 18.71
N PRO B 61 -0.01 19.31 19.96
CA PRO B 61 -0.84 18.74 21.03
C PRO B 61 -2.34 18.89 20.76
N LEU B 62 -2.75 19.99 20.13
CA LEU B 62 -4.17 20.20 19.89
C LEU B 62 -4.69 19.26 18.82
N VAL B 63 -3.92 19.05 17.76
CA VAL B 63 -4.31 18.11 16.72
C VAL B 63 -4.34 16.69 17.28
N ILE B 64 -3.32 16.32 18.06
CA ILE B 64 -3.30 15.01 18.69
C ILE B 64 -4.53 14.85 19.58
N ASP B 65 -4.79 15.84 20.43
CA ASP B 65 -5.93 15.76 21.33
C ASP B 65 -7.24 15.63 20.55
N TYR B 66 -7.34 16.32 19.41
CA TYR B 66 -8.55 16.22 18.60
C TYR B 66 -8.85 14.76 18.24
N PHE B 67 -7.86 14.05 17.68
CA PHE B 67 -8.11 12.68 17.25
C PHE B 67 -8.24 11.73 18.42
N GLN B 68 -7.67 12.08 19.58
CA GLN B 68 -7.76 11.20 20.74
C GLN B 68 -9.09 11.34 21.46
N SER B 69 -9.65 12.55 21.52
CA SER B 69 -10.74 12.84 22.43
C SER B 69 -12.05 13.17 21.75
N GLN B 70 -12.03 13.59 20.50
CA GLN B 70 -13.27 13.90 19.81
C GLN B 70 -14.16 12.66 19.72
N ILE B 71 -15.46 12.86 19.89
CA ILE B 71 -16.39 11.74 19.78
C ILE B 71 -16.49 11.27 18.33
N ASN B 72 -16.50 12.22 17.39
CA ASN B 72 -16.79 11.92 15.98
C ASN B 72 -15.79 12.63 15.09
N PRO B 73 -14.52 12.26 15.16
CA PRO B 73 -13.51 12.93 14.30
C PRO B 73 -13.74 12.69 12.81
N LYS B 74 -14.47 11.64 12.44
CA LYS B 74 -14.71 11.35 11.03
C LYS B 74 -15.53 12.45 10.36
N ALA B 75 -16.19 13.31 11.16
CA ALA B 75 -16.89 14.47 10.59
C ALA B 75 -15.97 15.36 9.77
N ILE B 76 -14.65 15.33 10.05
CA ILE B 76 -13.70 16.07 9.24
C ILE B 76 -13.90 15.77 7.76
N CYS B 77 -14.22 14.50 7.44
CA CYS B 77 -14.33 14.08 6.04
C CYS B 77 -15.51 14.74 5.36
N ASN B 78 -16.59 14.95 6.09
CA ASN B 78 -17.69 15.72 5.54
C ASN B 78 -17.33 17.19 5.43
N HIS B 79 -16.60 17.72 6.42
CA HIS B 79 -16.25 19.14 6.45
C HIS B 79 -15.34 19.53 5.29
N VAL B 80 -14.47 18.63 4.85
CA VAL B 80 -13.55 18.95 3.77
C VAL B 80 -14.14 18.66 2.39
N GLY B 81 -15.42 18.25 2.35
CA GLY B 81 -16.11 18.08 1.10
C GLY B 81 -15.99 16.72 0.42
N LEU B 82 -15.58 15.69 1.14
CA LEU B 82 -15.36 14.39 0.52
C LEU B 82 -16.56 13.43 0.66
N CYS B 83 -17.63 13.84 1.33
CA CYS B 83 -18.78 13.00 1.62
C CYS B 83 -20.06 13.67 1.17
N PRO B 84 -20.34 13.67 -0.14
CA PRO B 84 -21.54 14.36 -0.64
C PRO B 84 -22.85 13.80 -0.11
N ARG B 85 -22.86 12.58 0.45
CA ARG B 85 -24.07 12.01 1.02
C ARG B 85 -24.00 11.87 2.53
N GLY B 86 -23.11 12.61 3.18
CA GLY B 86 -22.97 12.49 4.63
C GLY B 86 -21.98 11.41 5.02
N GLN B 87 -21.39 11.58 6.20
CA GLN B 87 -20.32 10.69 6.65
C GLN B 87 -20.86 9.26 6.76
N ASP C 7 -8.35 -1.09 -13.85
CA ASP C 7 -7.08 -0.48 -13.45
C ASP C 7 -6.11 -1.55 -12.95
N LEU C 8 -5.37 -2.14 -13.90
CA LEU C 8 -4.41 -3.18 -13.54
C LEU C 8 -3.31 -2.63 -12.63
N CYS C 9 -2.97 -1.35 -12.75
CA CYS C 9 -1.91 -0.80 -11.91
C CYS C 9 -2.35 -0.79 -10.46
N GLN C 10 -3.53 -0.21 -10.17
CA GLN C 10 -4.02 -0.18 -8.80
C GLN C 10 -4.23 -1.58 -8.27
N GLU C 11 -4.72 -2.50 -9.10
CA GLU C 11 -4.92 -3.87 -8.65
C GLU C 11 -3.59 -4.54 -8.32
N CYS C 12 -2.57 -4.36 -9.16
CA CYS C 12 -1.24 -4.86 -8.82
C CYS C 12 -0.74 -4.25 -7.50
N GLU C 13 -0.92 -2.94 -7.32
CA GLU C 13 -0.46 -2.30 -6.10
C GLU C 13 -1.20 -2.83 -4.88
N ASP C 14 -2.51 -3.10 -5.02
CA ASP C 14 -3.27 -3.65 -3.90
C ASP C 14 -2.83 -5.07 -3.55
N ILE C 15 -2.45 -5.87 -4.55
CA ILE C 15 -1.92 -7.20 -4.26
C ILE C 15 -0.60 -7.09 -3.52
N VAL C 16 0.28 -6.21 -3.97
CA VAL C 16 1.54 -6.00 -3.24
C VAL C 16 1.24 -5.60 -1.80
N HIS C 17 0.34 -4.63 -1.61
CA HIS C 17 0.02 -4.17 -0.26
C HIS C 17 -0.44 -5.34 0.61
N LEU C 18 -1.34 -6.18 0.08
CA LEU C 18 -1.81 -7.33 0.82
C LEU C 18 -0.69 -8.31 1.14
N LEU C 19 0.19 -8.57 0.17
CA LEU C 19 1.33 -9.47 0.43
C LEU C 19 2.18 -8.96 1.58
N THR C 20 2.42 -7.63 1.62
CA THR C 20 3.20 -7.06 2.71
C THR C 20 2.53 -7.34 4.04
N LYS C 21 1.19 -7.30 4.07
CA LYS C 21 0.48 -7.59 5.31
C LYS C 21 0.58 -9.06 5.66
N MET C 22 0.36 -9.94 4.69
CA MET C 22 0.33 -11.37 4.98
C MET C 22 1.70 -11.87 5.42
N THR C 23 2.77 -11.40 4.79
CA THR C 23 4.09 -11.92 5.11
C THR C 23 4.56 -11.53 6.50
N LYS C 24 3.83 -10.65 7.19
CA LYS C 24 4.18 -10.30 8.56
C LYS C 24 3.71 -11.34 9.57
N GLU C 25 2.88 -12.29 9.18
CA GLU C 25 2.29 -13.24 10.11
C GLU C 25 3.03 -14.58 10.02
N ASP C 26 3.44 -15.11 11.17
CA ASP C 26 4.11 -16.40 11.16
C ASP C 26 3.17 -17.51 10.70
N ALA C 27 1.87 -17.35 10.95
CA ALA C 27 0.92 -18.32 10.42
C ALA C 27 0.99 -18.37 8.90
N PHE C 28 1.42 -17.28 8.28
CA PHE C 28 1.53 -17.29 6.82
C PHE C 28 2.70 -18.16 6.37
N GLN C 29 3.90 -17.88 6.88
N GLN C 29 3.89 -17.89 6.89
CA GLN C 29 5.06 -18.68 6.51
CA GLN C 29 5.05 -18.70 6.49
C GLN C 29 4.80 -20.16 6.79
C GLN C 29 4.81 -20.17 6.79
N GLU C 30 4.22 -20.47 7.95
CA GLU C 30 3.96 -21.85 8.30
C GLU C 30 3.06 -22.51 7.26
N ALA C 31 1.97 -21.85 6.89
CA ALA C 31 0.98 -22.45 6.00
C ALA C 31 1.50 -22.62 4.59
N ILE C 32 2.18 -21.59 4.06
CA ILE C 32 2.68 -21.69 2.69
C ILE C 32 3.81 -22.70 2.60
N ARG C 33 4.66 -22.78 3.64
CA ARG C 33 5.74 -23.76 3.63
C ARG C 33 5.20 -25.18 3.58
N LYS C 34 4.21 -25.49 4.43
CA LYS C 34 3.63 -26.82 4.44
C LYS C 34 3.00 -27.14 3.10
N PHE C 35 2.29 -26.18 2.50
CA PHE C 35 1.62 -26.46 1.24
C PHE C 35 2.63 -26.76 0.14
N LEU C 36 3.73 -26.00 0.11
CA LEU C 36 4.74 -26.21 -0.93
C LEU C 36 5.59 -27.45 -0.65
N GLU C 37 5.86 -27.75 0.60
CA GLU C 37 6.52 -29.02 0.91
C GLU C 37 5.70 -30.18 0.38
N GLN C 38 4.38 -30.11 0.53
CA GLN C 38 3.50 -31.16 0.01
C GLN C 38 3.57 -31.22 -1.50
N GLU C 39 3.58 -30.06 -2.16
CA GLU C 39 3.59 -30.05 -3.62
C GLU C 39 4.94 -30.43 -4.19
N CYS C 40 6.03 -30.06 -3.50
CA CYS C 40 7.36 -30.40 -3.96
C CYS C 40 7.57 -31.92 -4.09
N ASP C 41 6.78 -32.72 -3.40
CA ASP C 41 6.99 -34.16 -3.38
C ASP C 41 6.05 -34.91 -4.31
N ILE C 42 5.28 -34.21 -5.13
CA ILE C 42 4.31 -34.81 -6.04
C ILE C 42 4.31 -34.04 -7.34
N LEU C 43 3.68 -34.63 -8.34
CA LEU C 43 3.52 -33.95 -9.62
C LEU C 43 2.50 -32.83 -9.49
N PRO C 44 2.65 -31.74 -10.25
CA PRO C 44 3.69 -31.53 -11.26
C PRO C 44 5.00 -30.94 -10.74
N LEU C 45 4.97 -30.30 -9.57
CA LEU C 45 6.08 -29.48 -9.14
C LEU C 45 7.38 -30.27 -8.98
N GLU C 46 7.30 -31.51 -8.50
CA GLU C 46 8.52 -32.26 -8.24
C GLU C 46 9.34 -32.45 -9.51
N LEU C 47 8.71 -32.41 -10.67
CA LEU C 47 9.42 -32.50 -11.95
C LEU C 47 9.72 -31.13 -12.55
N LEU C 48 8.81 -30.17 -12.39
CA LEU C 48 9.07 -28.84 -12.93
C LEU C 48 10.23 -28.17 -12.24
N VAL C 49 10.41 -28.43 -10.94
CA VAL C 49 11.44 -27.77 -10.16
C VAL C 49 12.34 -28.85 -9.54
N PRO C 50 13.42 -29.23 -10.21
CA PRO C 50 14.40 -30.12 -9.55
C PRO C 50 14.85 -29.54 -8.22
N GLU C 51 15.09 -30.43 -7.27
CA GLU C 51 15.52 -29.99 -5.93
C GLU C 51 14.49 -29.03 -5.34
N CYS C 52 13.21 -29.35 -5.56
CA CYS C 52 12.12 -28.45 -5.18
C CYS C 52 12.24 -28.03 -3.73
N ARG C 53 12.49 -28.99 -2.83
CA ARG C 53 12.63 -28.67 -1.42
C ARG C 53 13.79 -27.72 -1.14
N GLN C 54 14.91 -27.90 -1.84
CA GLN C 54 16.03 -26.98 -1.67
CA GLN C 54 16.03 -26.98 -1.68
C GLN C 54 15.64 -25.58 -2.11
N VAL C 55 14.93 -25.47 -3.23
CA VAL C 55 14.47 -24.17 -3.70
C VAL C 55 13.56 -23.54 -2.67
N LEU C 56 12.61 -24.32 -2.17
CA LEU C 56 11.69 -23.81 -1.14
C LEU C 56 12.44 -23.33 0.09
N ASP C 57 13.44 -24.10 0.54
CA ASP C 57 14.16 -23.76 1.75
C ASP C 57 14.86 -22.42 1.63
N VAL C 58 15.38 -22.11 0.45
CA VAL C 58 16.13 -20.88 0.25
C VAL C 58 15.21 -19.69 -0.08
N TYR C 59 14.27 -19.88 -1.01
CA TYR C 59 13.57 -18.74 -1.59
C TYR C 59 12.29 -18.34 -0.88
N LEU C 60 11.65 -19.23 -0.13
CA LEU C 60 10.48 -18.77 0.63
C LEU C 60 10.89 -17.77 1.71
N PRO C 61 11.97 -17.98 2.47
CA PRO C 61 12.40 -16.92 3.41
C PRO C 61 12.78 -15.63 2.70
N LEU C 62 13.41 -15.74 1.53
CA LEU C 62 13.81 -14.53 0.81
C LEU C 62 12.60 -13.75 0.33
N VAL C 63 11.57 -14.45 -0.16
CA VAL C 63 10.38 -13.75 -0.65
C VAL C 63 9.63 -13.08 0.51
N ILE C 64 9.53 -13.77 1.64
CA ILE C 64 8.90 -13.19 2.80
C ILE C 64 9.64 -11.92 3.25
N ASP C 65 10.98 -12.00 3.31
CA ASP C 65 11.75 -10.84 3.71
C ASP C 65 11.58 -9.69 2.72
N TYR C 66 11.51 -10.00 1.44
CA TYR C 66 11.39 -8.96 0.42
C TYR C 66 10.14 -8.12 0.64
N PHE C 67 9.00 -8.77 0.84
CA PHE C 67 7.76 -8.00 1.00
C PHE C 67 7.64 -7.33 2.35
N GLN C 68 8.50 -7.68 3.31
CA GLN C 68 8.58 -6.96 4.57
C GLN C 68 9.63 -5.84 4.54
N SER C 69 10.29 -5.63 3.40
CA SER C 69 11.38 -4.66 3.31
C SER C 69 10.87 -3.35 2.71
N GLN C 70 11.78 -2.39 2.56
CA GLN C 70 11.44 -1.09 1.98
C GLN C 70 11.33 -1.25 0.46
N ILE C 71 10.13 -1.52 -0.01
CA ILE C 71 9.88 -1.77 -1.42
C ILE C 71 9.07 -0.62 -2.02
N ASN C 72 9.06 -0.58 -3.35
CA ASN C 72 8.41 0.48 -4.12
C ASN C 72 7.32 -0.18 -4.95
N PRO C 73 6.05 -0.16 -4.48
CA PRO C 73 5.02 -0.97 -5.18
C PRO C 73 4.80 -0.57 -6.62
N LYS C 74 4.78 0.72 -6.90
CA LYS C 74 4.54 1.14 -8.28
C LYS C 74 5.71 0.74 -9.18
N ALA C 75 6.95 0.86 -8.67
CA ALA C 75 8.10 0.40 -9.44
C ALA C 75 8.06 -1.11 -9.67
N ILE C 76 7.67 -1.88 -8.65
CA ILE C 76 7.51 -3.32 -8.81
C ILE C 76 6.47 -3.62 -9.89
N CYS C 77 5.29 -3.01 -9.76
CA CYS C 77 4.23 -3.26 -10.71
C CYS C 77 4.62 -2.82 -12.11
N ASN C 78 5.38 -1.75 -12.21
CA ASN C 78 5.91 -1.33 -13.52
C ASN C 78 6.93 -2.32 -14.05
N HIS C 79 7.75 -2.90 -13.15
CA HIS C 79 8.75 -3.88 -13.57
C HIS C 79 8.09 -5.11 -14.21
N VAL C 80 6.90 -5.49 -13.75
CA VAL C 80 6.20 -6.63 -14.35
C VAL C 80 5.20 -6.19 -15.42
N GLY C 81 5.20 -4.91 -15.76
CA GLY C 81 4.42 -4.44 -16.90
C GLY C 81 2.97 -4.10 -16.61
N LEU C 82 2.61 -3.87 -15.35
CA LEU C 82 1.22 -3.58 -15.00
C LEU C 82 0.98 -2.13 -14.60
N CYS C 83 2.03 -1.34 -14.41
CA CYS C 83 1.94 0.10 -14.23
C CYS C 83 2.79 0.81 -15.29
N PRO C 84 2.37 2.00 -15.75
CA PRO C 84 3.15 2.73 -16.77
C PRO C 84 4.46 3.32 -16.25
N ASP D 7 -6.78 -12.31 10.16
CA ASP D 7 -7.13 -11.66 8.91
C ASP D 7 -6.46 -12.33 7.70
N LEU D 8 -5.53 -13.26 7.97
CA LEU D 8 -4.83 -13.94 6.88
C LEU D 8 -5.82 -14.52 5.88
N CYS D 9 -6.90 -15.13 6.36
CA CYS D 9 -7.90 -15.69 5.46
C CYS D 9 -8.52 -14.59 4.61
N GLN D 10 -8.99 -13.51 5.25
CA GLN D 10 -9.58 -12.40 4.50
C GLN D 10 -8.60 -11.86 3.46
N GLU D 11 -7.35 -11.65 3.87
CA GLU D 11 -6.35 -11.08 2.96
C GLU D 11 -6.07 -12.02 1.78
N CYS D 12 -6.01 -13.33 2.04
CA CYS D 12 -5.84 -14.27 0.94
C CYS D 12 -7.02 -14.22 -0.02
N GLU D 13 -8.24 -14.17 0.52
CA GLU D 13 -9.41 -14.04 -0.33
C GLU D 13 -9.34 -12.78 -1.18
N ASP D 14 -8.90 -11.67 -0.59
CA ASP D 14 -8.85 -10.42 -1.34
C ASP D 14 -7.86 -10.51 -2.50
N ILE D 15 -6.73 -11.19 -2.31
CA ILE D 15 -5.77 -11.35 -3.39
C ILE D 15 -6.36 -12.24 -4.49
N VAL D 16 -6.96 -13.36 -4.11
CA VAL D 16 -7.59 -14.24 -5.10
C VAL D 16 -8.63 -13.46 -5.91
N HIS D 17 -9.47 -12.70 -5.22
CA HIS D 17 -10.47 -11.89 -5.91
C HIS D 17 -9.81 -10.93 -6.90
N LEU D 18 -8.71 -10.27 -6.48
CA LEU D 18 -8.03 -9.34 -7.37
C LEU D 18 -7.41 -10.06 -8.56
N LEU D 19 -6.82 -11.24 -8.34
CA LEU D 19 -6.29 -12.01 -9.46
C LEU D 19 -7.39 -12.39 -10.44
N THR D 20 -8.56 -12.80 -9.94
CA THR D 20 -9.65 -13.13 -10.84
C THR D 20 -10.00 -11.95 -11.73
N LYS D 21 -10.11 -10.77 -11.12
CA LYS D 21 -10.44 -9.58 -11.91
C LYS D 21 -9.32 -9.25 -12.90
N MET D 22 -8.07 -9.41 -12.49
CA MET D 22 -6.95 -9.04 -13.34
C MET D 22 -6.82 -10.00 -14.52
N THR D 23 -6.99 -11.30 -14.28
CA THR D 23 -6.82 -12.27 -15.36
C THR D 23 -7.87 -12.12 -16.44
N LYS D 24 -8.97 -11.41 -16.16
CA LYS D 24 -9.97 -11.12 -17.17
C LYS D 24 -9.55 -10.02 -18.12
N GLU D 25 -8.32 -9.51 -18.01
CA GLU D 25 -7.79 -8.49 -18.91
C GLU D 25 -6.66 -9.10 -19.71
N ASP D 26 -6.78 -9.04 -21.04
CA ASP D 26 -5.73 -9.58 -21.90
C ASP D 26 -4.39 -8.92 -21.61
N ALA D 27 -4.40 -7.61 -21.34
CA ALA D 27 -3.17 -6.90 -21.03
C ALA D 27 -2.44 -7.55 -19.86
N PHE D 28 -3.19 -8.09 -18.90
CA PHE D 28 -2.57 -8.80 -17.80
C PHE D 28 -1.77 -9.99 -18.31
N GLN D 29 -2.42 -10.89 -19.02
CA GLN D 29 -1.72 -12.07 -19.55
C GLN D 29 -0.49 -11.66 -20.34
N GLU D 30 -0.64 -10.68 -21.23
CA GLU D 30 0.49 -10.25 -22.05
C GLU D 30 1.64 -9.72 -21.18
N ALA D 31 1.32 -8.88 -20.19
CA ALA D 31 2.36 -8.31 -19.35
C ALA D 31 3.09 -9.43 -18.60
N ILE D 32 2.33 -10.32 -17.97
CA ILE D 32 2.96 -11.37 -17.17
C ILE D 32 3.76 -12.30 -18.07
N ARG D 33 3.23 -12.63 -19.25
CA ARG D 33 3.95 -13.50 -20.17
C ARG D 33 5.29 -12.89 -20.56
N LYS D 34 5.28 -11.61 -20.95
CA LYS D 34 6.53 -10.98 -21.37
C LYS D 34 7.51 -10.90 -20.21
N PHE D 35 7.01 -10.59 -19.02
CA PHE D 35 7.88 -10.51 -17.86
C PHE D 35 8.53 -11.86 -17.56
N LEU D 36 7.73 -12.91 -17.52
CA LEU D 36 8.30 -14.21 -17.17
C LEU D 36 9.17 -14.77 -18.29
N GLU D 37 8.87 -14.44 -19.54
CA GLU D 37 9.75 -14.84 -20.63
C GLU D 37 11.14 -14.28 -20.42
N GLN D 38 11.23 -13.01 -20.01
CA GLN D 38 12.53 -12.42 -19.69
C GLN D 38 13.18 -13.14 -18.52
N GLU D 39 12.41 -13.39 -17.46
CA GLU D 39 12.98 -14.00 -16.26
C GLU D 39 13.48 -15.41 -16.54
N CYS D 40 12.83 -16.13 -17.47
CA CYS D 40 13.25 -17.48 -17.78
C CYS D 40 14.65 -17.54 -18.38
N ASP D 41 15.12 -16.43 -18.96
CA ASP D 41 16.41 -16.38 -19.64
C ASP D 41 17.52 -15.88 -18.75
N ILE D 42 17.24 -15.58 -17.49
CA ILE D 42 18.24 -15.09 -16.56
C ILE D 42 18.14 -15.89 -15.27
N LEU D 43 19.12 -15.69 -14.39
CA LEU D 43 19.06 -16.31 -13.07
C LEU D 43 18.10 -15.53 -12.17
N PRO D 44 17.46 -16.21 -11.21
CA PRO D 44 17.64 -17.63 -10.89
C PRO D 44 16.75 -18.60 -11.68
N LEU D 45 15.67 -18.10 -12.30
CA LEU D 45 14.69 -19.02 -12.89
C LEU D 45 15.33 -19.93 -13.93
N GLU D 46 16.22 -19.38 -14.77
CA GLU D 46 16.87 -20.19 -15.78
C GLU D 46 17.45 -21.47 -15.17
N LEU D 47 17.97 -21.37 -13.95
CA LEU D 47 18.56 -22.52 -13.26
C LEU D 47 17.52 -23.35 -12.52
N LEU D 48 16.61 -22.69 -11.80
CA LEU D 48 15.66 -23.40 -10.95
C LEU D 48 14.63 -24.17 -11.76
N VAL D 49 14.27 -23.68 -12.94
CA VAL D 49 13.23 -24.33 -13.74
C VAL D 49 13.81 -24.74 -15.10
N PRO D 50 14.26 -25.97 -15.26
CA PRO D 50 14.65 -26.43 -16.59
C PRO D 50 13.48 -26.28 -17.56
N GLU D 51 13.79 -25.95 -18.80
CA GLU D 51 12.76 -25.75 -19.81
C GLU D 51 11.79 -24.65 -19.39
N CYS D 52 12.33 -23.60 -18.76
CA CYS D 52 11.47 -22.55 -18.21
C CYS D 52 10.49 -22.03 -19.24
N ARG D 53 10.97 -21.68 -20.43
CA ARG D 53 10.08 -21.12 -21.44
C ARG D 53 8.98 -22.10 -21.82
N GLN D 54 9.33 -23.37 -22.02
CA GLN D 54 8.33 -24.37 -22.33
C GLN D 54 7.29 -24.48 -21.22
N VAL D 55 7.74 -24.50 -19.98
CA VAL D 55 6.82 -24.58 -18.84
C VAL D 55 5.87 -23.38 -18.86
N LEU D 56 6.42 -22.19 -19.08
CA LEU D 56 5.60 -20.97 -19.15
C LEU D 56 4.58 -21.05 -20.29
N ASP D 57 5.04 -21.45 -21.47
CA ASP D 57 4.14 -21.56 -22.62
C ASP D 57 2.92 -22.42 -22.29
N VAL D 58 3.14 -23.55 -21.62
CA VAL D 58 2.07 -24.49 -21.34
C VAL D 58 1.20 -24.01 -20.18
N TYR D 59 1.83 -23.57 -19.09
CA TYR D 59 1.07 -23.37 -17.86
C TYR D 59 0.47 -21.98 -17.70
N LEU D 60 1.06 -20.94 -18.25
CA LEU D 60 0.46 -19.62 -18.06
C LEU D 60 -0.98 -19.59 -18.55
N PRO D 61 -1.30 -20.13 -19.74
CA PRO D 61 -2.72 -20.16 -20.16
C PRO D 61 -3.59 -20.96 -19.21
N LEU D 62 -3.09 -22.08 -18.68
CA LEU D 62 -3.88 -22.90 -17.76
C LEU D 62 -4.11 -22.17 -16.45
N VAL D 63 -3.10 -21.43 -15.99
CA VAL D 63 -3.23 -20.66 -14.75
C VAL D 63 -4.23 -19.53 -14.91
N ILE D 64 -4.19 -18.84 -16.06
CA ILE D 64 -5.16 -17.79 -16.33
C ILE D 64 -6.58 -18.37 -16.37
N ASP D 65 -6.77 -19.44 -17.14
N ASP D 65 -6.77 -19.43 -17.15
CA ASP D 65 -8.08 -20.07 -17.20
CA ASP D 65 -8.09 -20.07 -17.19
C ASP D 65 -8.54 -20.48 -15.81
C ASP D 65 -8.54 -20.48 -15.81
N TYR D 66 -7.62 -20.97 -14.97
CA TYR D 66 -7.99 -21.40 -13.63
C TYR D 66 -8.61 -20.25 -12.84
N PHE D 67 -7.97 -19.08 -12.86
CA PHE D 67 -8.51 -17.94 -12.13
C PHE D 67 -9.71 -17.30 -12.81
N GLN D 68 -9.91 -17.54 -14.10
CA GLN D 68 -11.17 -17.23 -14.78
C GLN D 68 -12.20 -18.34 -14.65
N SER D 69 -11.94 -19.34 -13.81
CA SER D 69 -12.77 -20.52 -13.73
C SER D 69 -13.83 -20.34 -12.65
N GLN D 70 -14.66 -21.37 -12.47
CA GLN D 70 -15.69 -21.38 -11.43
C GLN D 70 -15.00 -21.75 -10.12
N ILE D 71 -14.29 -20.77 -9.56
CA ILE D 71 -13.51 -20.96 -8.35
C ILE D 71 -14.23 -20.26 -7.18
N ASN D 72 -13.74 -20.53 -5.97
CA ASN D 72 -14.18 -19.82 -4.78
C ASN D 72 -12.93 -19.42 -4.00
N PRO D 73 -12.69 -18.13 -3.78
CA PRO D 73 -11.48 -17.73 -3.04
C PRO D 73 -11.27 -18.51 -1.75
N LYS D 74 -12.32 -18.65 -0.94
CA LYS D 74 -12.18 -19.35 0.33
C LYS D 74 -11.65 -20.77 0.13
N ALA D 75 -12.05 -21.43 -0.97
CA ALA D 75 -11.57 -22.78 -1.21
C ALA D 75 -10.09 -22.80 -1.60
N ILE D 76 -9.68 -21.88 -2.48
CA ILE D 76 -8.28 -21.80 -2.87
C ILE D 76 -7.41 -21.47 -1.66
N CYS D 77 -7.86 -20.50 -0.86
CA CYS D 77 -7.12 -20.09 0.33
C CYS D 77 -7.12 -21.19 1.38
N ASN D 78 -8.21 -21.94 1.49
CA ASN D 78 -8.21 -23.10 2.37
C ASN D 78 -7.25 -24.17 1.85
N HIS D 79 -7.20 -24.36 0.54
CA HIS D 79 -6.31 -25.37 -0.03
C HIS D 79 -4.87 -25.12 0.39
N VAL D 80 -4.46 -23.86 0.47
CA VAL D 80 -3.09 -23.52 0.81
C VAL D 80 -2.92 -23.26 2.31
N GLY D 81 -3.98 -23.51 3.09
CA GLY D 81 -3.86 -23.45 4.54
C GLY D 81 -4.01 -22.09 5.19
N LEU D 82 -4.40 -21.07 4.45
CA LEU D 82 -4.59 -19.74 5.01
C LEU D 82 -6.01 -19.49 5.48
N CYS D 83 -6.90 -20.47 5.38
CA CYS D 83 -8.27 -20.36 5.89
C CYS D 83 -8.62 -21.65 6.62
N PRO D 84 -8.08 -21.84 7.83
CA PRO D 84 -8.39 -23.03 8.64
C PRO D 84 -9.89 -23.28 8.81
CBE RXY E . 3.92 15.78 2.02
CBE RXY E . -7.77 18.96 12.82
CBF RXY E . 2.87 15.99 3.12
CBF RXY E . -6.47 19.18 12.05
CBG RXY E . 1.78 14.92 3.11
CBG RXY E . -5.97 17.91 11.36
CBH RXY E . 0.80 15.06 4.28
CBH RXY E . -4.87 18.19 10.32
CBI RXY E . -0.43 14.14 4.12
CBI RXY E . -3.97 16.96 10.10
CBJ RXY E . -1.57 14.50 5.09
CBJ RXY E . -3.48 16.82 8.64
CBK RXY E . -1.85 13.40 6.13
CBK RXY E . -3.13 15.35 8.30
CBL RXY E . -3.02 13.77 7.08
CBL RXY E . -2.62 15.18 6.85
CBM RXY E . -2.65 15.00 7.92
CBM RXY E . -2.07 13.76 6.65
CBN RXY E . -3.42 15.38 8.95
CBN RXY E . -1.26 13.42 5.64
CBO RXY E . -3.04 16.62 9.78
CBO RXY E . -0.77 14.43 4.58
CBP RXY E . -3.95 17.81 9.40
CBP RXY E . 0.77 14.42 4.55
CBQ RXY E . -4.38 18.66 10.60
CBQ RXY E . 1.36 15.46 3.56
CBR RXY E . -5.81 18.32 11.09
CBR RXY E . 2.80 15.14 3.14
CBS RXY E . -6.35 19.37 12.08
CBS RXY E . 3.33 16.07 2.03
CBT RXY E . -7.60 18.89 12.84
CBT RXY E . 4.47 15.45 1.20
CBU RXY E . -7.45 19.00 14.37
CBU RXY E . 5.50 16.51 0.78
CBV RXY E . -8.09 20.28 14.95
CBV RXY E . 6.14 16.23 -0.60
OBY RXY E . -9.28 20.37 15.01
OBY RXY E . 6.05 15.15 -1.08
OBW RXY E . -7.27 21.33 15.40
OBW RXY E . 6.81 17.28 -1.27
CAW RXY E . -7.62 22.60 14.89
CAW RXY E . 7.63 16.94 -2.35
CAX RXY E . -8.66 23.23 15.81
CAX RXY E . 7.36 17.95 -3.48
OAY RXY E . -8.22 23.07 17.14
OAY RXY E . 7.76 17.39 -4.72
PAZ RXY E . -9.08 23.77 18.36
PAZ RXY E . 9.33 17.53 -5.20
OBX RXY E . -8.94 22.93 19.62
OBX RXY E . 10.00 18.67 -4.49
OAB RXY E . -10.54 23.85 17.96
OAB RXY E . 9.37 17.78 -6.70
OBA RXY E . -8.51 25.30 18.66
OBA RXY E . 10.13 16.11 -4.88
CBB RXY E . -7.48 25.81 17.85
CBB RXY E . 9.42 14.90 -5.03
CBC RXY E . -7.61 27.35 17.82
CBC RXY E . 9.95 14.19 -6.30
NBD RXY E . -8.82 27.77 18.50
NBD RXY E . 8.99 13.18 -6.73
CAV RXY E . -6.38 23.49 14.81
CAV RXY E . 9.10 16.98 -1.91
OAU RXY E . -5.47 22.92 13.92
OAU RXY E . 9.60 18.31 -2.02
CAT RXY E . -4.77 23.80 13.05
CAT RXY E . 9.63 19.03 -0.80
OAA RXY E . -5.14 24.90 12.88
OAA RXY E . 10.40 18.72 0.05
CAS RXY E . -3.50 23.29 12.32
CAS RXY E . 8.64 20.20 -0.57
CAR RXY E . -2.88 24.36 11.40
CAR RXY E . 7.40 19.76 0.22
CAQ RXY E . -1.43 24.03 11.01
CAQ RXY E . 7.05 20.76 1.34
CAP RXY E . -0.97 24.75 9.70
CAP RXY E . 5.62 20.55 1.89
CAO RXY E . 0.53 24.55 9.41
CAO RXY E . 4.95 21.90 2.27
CAN RXY E . 0.80 23.65 8.17
CAN RXY E . 3.50 21.73 2.80
CAM RXY E . 0.85 24.42 6.83
CAM RXY E . 3.27 22.40 4.18
CAL RXY E . 1.93 23.82 5.90
CAL RXY E . 2.59 23.77 3.97
CAK RXY E . 2.04 24.26 4.64
CAK RXY E . 1.89 24.36 4.94
CAJ RXY E . 3.10 23.70 3.67
CAJ RXY E . 1.72 23.70 6.32
CAI RXY E . 3.35 22.21 3.91
CAI RXY E . 0.72 24.52 7.14
CAH RXY E . 3.84 21.47 2.64
CAH RXY E . 0.71 24.14 8.63
CAG RXY E . 5.37 21.31 2.60
CAG RXY E . -0.33 24.94 9.44
CAF RXY E . 5.82 20.20 1.61
CAF RXY E . -0.30 24.61 10.95
CAE RXY E . 7.33 20.27 1.27
CAE RXY E . -1.73 24.44 11.54
H1 RXY E . 4.54 16.52 2.02
H1 RXY E . -8.00 19.76 13.31
H2 RXY E . 4.39 14.95 2.19
H2 RXY E . -7.64 18.23 13.44
H3 RXY E . 3.46 15.73 1.16
H3 RXY E . -8.48 18.74 12.20
H4 RXY E . 3.32 15.97 3.98
H4 RXY E . -6.61 19.87 11.37
H5 RXY E . 2.46 16.86 3.00
H5 RXY E . -5.78 19.49 12.66
H6 RXY E . 1.28 15.00 2.28
H6 RXY E . -5.62 17.31 12.03
H7 RXY E . 2.19 14.05 3.14
H7 RXY E . -6.72 17.49 10.91
H9 RXY E . 0.51 15.98 4.35
H9 RXY E . -5.28 18.43 9.48
H8 RXY E . 1.27 14.82 5.10
H8 RXY E . -4.32 18.93 10.63
H10 RXY E . -0.16 13.23 4.29
H10 RXY E . -3.18 17.03 10.68
H11 RXY E . -0.76 14.21 3.21
H11 RXY E . -4.46 16.16 10.35
H13 RXY E . -2.38 14.65 4.58
H13 RXY E . -2.69 17.36 8.52
H12 RXY E . -1.34 15.32 5.55
H12 RXY E . -4.18 17.12 8.05
H15 RXY E . -2.07 12.57 5.67
H15 RXY E . -2.44 15.03 8.90
H14 RXY E . -1.05 13.25 6.67
H14 RXY E . -3.92 14.80 8.41
H17 RXY E . -3.20 13.01 7.68
H17 RXY E . -3.34 15.33 6.22
H16 RXY E . -3.81 13.96 6.56
H16 RXY E . -1.90 15.82 6.67
H18 RXY E . -1.87 15.47 7.72
H18 RXY E . -2.32 13.10 7.27
H19 RXY E . -4.19 14.90 9.14
H19 RXY E . -0.96 12.53 5.58
H21 RXY E . -2.11 16.86 9.61
H21 RXY E . -1.13 14.18 3.72
H20 RXY E . -3.16 16.42 10.72
H20 RXY E . -1.09 15.32 4.82
H23 RXY E . -3.47 18.38 8.77
H23 RXY E . 1.08 13.55 4.28
H22 RXY E . -4.74 17.46 8.95
H22 RXY E . 1.11 14.63 5.43
H25 RXY E . -3.77 18.51 11.33
H25 RXY E . 1.34 16.33 3.98
H24 RXY E . -4.35 19.59 10.36
H24 RXY E . 0.79 15.49 2.77
H26 RXY E . -5.80 17.45 11.52
H26 RXY E . 3.37 15.22 3.92
H27 RXY E . -6.40 18.28 10.32
H27 RXY E . 2.83 14.23 2.82
H28 RXY E . -5.66 19.57 12.73
H28 RXY E . 2.60 16.30 1.45
H29 RXY E . -6.57 20.17 11.60
H29 RXY E . 3.66 16.89 2.45
H31 RXY E . -8.36 19.42 12.56
H31 RXY E . 4.91 14.77 1.73
H30 RXY E . -7.77 17.96 12.61
H30 RXY E . 4.09 15.03 0.41
H32 RXY E . -7.88 18.23 14.78
H32 RXY E . 6.21 16.52 1.44
H33 RXY E . -6.51 18.99 14.59
H33 RXY E . 5.07 17.37 0.75
H34 RXY E . -7.98 22.48 14.00
H34 RXY E . 7.44 16.04 -2.67
H35 RXY E . -8.74 24.18 15.61
H35 RXY E . 7.88 18.75 -3.32
H36 RXY E . -9.52 22.80 15.70
H36 RXY E . 6.43 18.16 -3.50
H39 RXY E . -7.56 25.46 16.95
H39 RXY E . 9.56 14.34 -4.26
H38 RXY E . -6.62 25.56 18.22
H38 RXY E . 8.47 15.09 -5.13
H41 RXY E . -7.64 27.65 16.90
H41 RXY E . 10.07 14.84 -7.00
H40 RXY E . -6.84 27.75 18.26
H40 RXY E . 10.79 13.77 -6.09
H42 RXY E . -9.19 27.07 18.91
H42 RXY E . 8.24 13.24 -6.26
H44 RXY E . -9.40 28.10 17.90
H44 RXY E . 9.35 12.36 -6.63
H46 RXY E . -6.64 24.37 14.49
H46 RXY E . 9.62 16.39 -2.49
H45 RXY E . -5.99 23.58 15.70
H45 RXY E . 9.17 16.69 -0.99
H47 RXY E . -2.84 23.03 12.98
H47 RXY E . 8.37 20.55 -1.42
H48 RXY E . -3.72 22.52 11.78
H48 RXY E . 9.10 20.89 -0.07
H49 RXY E . -3.42 24.43 10.59
H49 RXY E . 6.65 19.69 -0.39
H50 RXY E . -2.89 25.22 11.85
H50 RXY E . 7.57 18.89 0.62
H51 RXY E . -1.34 23.08 10.87
H51 RXY E . 7.68 20.66 2.07
H52 RXY E . -0.84 24.31 11.73
H52 RXY E . 7.12 21.66 0.98
H54 RXY E . -1.15 25.71 9.80
H54 RXY E . 5.08 20.11 1.22
H53 RXY E . -1.49 24.40 8.96
H53 RXY E . 5.67 19.99 2.68
H55 RXY E . 0.95 24.15 10.18
H55 RXY E . 4.94 22.47 1.48
H56 RXY E . 0.92 25.42 9.25
H56 RXY E . 5.49 22.33 2.95
H57 RXY E . 1.64 23.19 8.30
H57 RXY E . 3.32 20.78 2.88
H58 RXY E . 0.09 22.98 8.12
H58 RXY E . 2.90 22.12 2.16
H60 RXY E . -0.01 24.36 6.38
H60 RXY E . 2.71 21.84 4.73
H59 RXY E . 1.06 25.36 7.00
H59 RXY E . 4.13 22.53 4.62
H61 RXY E . 2.50 23.16 6.21
H61 RXY E . 2.67 24.19 3.14
H62 RXY E . 1.46 24.92 4.34
H62 RXY E . 1.50 25.19 4.78
H63 RXY E . 2.80 23.83 2.77
H63 RXY E . 2.58 23.68 6.78
H64 RXY E . 3.94 24.18 3.81
H64 RXY E . 1.39 22.80 6.21
H66 RXY E . 4.02 22.11 4.60
H66 RXY E . -0.16 24.38 6.78
H65 RXY E . 2.52 21.80 4.21
H65 RXY E . 0.95 25.46 7.06
H68 RXY E . 3.55 21.98 1.87
H68 RXY E . 1.60 24.31 9.00
H67 RXY E . 3.42 20.60 2.62
H67 RXY E . 0.53 23.20 8.71
H69 RXY E . 5.69 21.08 3.49
H69 RXY E . -0.16 25.89 9.32
H70 RXY E . 5.77 22.15 2.32
H70 RXY E . -1.21 24.74 9.09
H71 RXY E . 5.63 19.34 2.01
H71 RXY E . 0.20 23.78 11.08
H72 RXY E . 5.31 20.29 0.79
H72 RXY E . 0.16 25.32 11.42
H203 RXY E . 7.53 21.14 0.88
H203 RXY E . -1.67 24.35 12.51
H73 RXY E . 7.56 19.58 0.63
H73 RXY E . -2.13 23.64 11.17
H74 RXY E . 7.86 20.15 2.07
H74 RXY E . -2.27 25.21 11.31
CBE RXY F . 4.03 23.27 11.17
CBF RXY F . 3.54 22.11 12.04
CBG RXY F . 2.03 22.14 12.31
CBH RXY F . 1.60 21.10 13.37
CBI RXY F . 0.26 20.42 13.04
CBJ RXY F . 0.46 19.11 12.24
CBK RXY F . 0.15 19.26 10.72
CBL RXY F . 1.32 18.80 9.82
CBM RXY F . 1.09 19.32 8.39
CBN RXY F . 2.09 19.40 7.48
CBO RXY F . 3.52 18.95 7.80
CBP RXY F . 4.51 19.69 6.87
CBQ RXY F . 5.02 18.82 5.71
CBR RXY F . 6.54 18.64 5.70
CBS RXY F . 7.07 18.08 4.37
CBT RXY F . 8.28 17.14 4.54
CBU RXY F . 8.60 16.38 3.25
CBV RXY F . 9.79 15.40 3.42
OBY RXY F . 10.88 15.82 3.64
OBW RXY F . 9.59 14.01 3.32
CAW RXY F . 9.32 13.56 2.02
CAX RXY F . 10.64 13.51 1.24
OAY RXY F . 10.33 13.27 -0.13
PAZ RXY F . 11.54 13.43 -1.25
OBX RXY F . 11.52 14.83 -1.79
OAB RXY F . 12.88 13.16 -0.58
OBA RXY F . 11.30 12.34 -2.48
CBB RXY F . 12.00 11.14 -2.46
CBC RXY F . 11.66 10.36 -1.16
NBD RXY F . 10.22 10.23 -1.02
CAV RXY F . 8.70 12.17 2.05
OAU RXY F . 8.12 11.93 3.32
CAT RXY F . 7.00 12.74 3.64
OAA RXY F . 7.17 13.84 4.09
CAS RXY F . 5.55 12.23 3.41
CAR RXY F . 4.99 11.50 4.64
CAQ RXY F . 3.60 11.99 5.07
CAP RXY F . 2.48 10.94 4.82
CAO RXY F . 2.65 9.71 5.71
CAN RXY F . 1.47 9.47 6.69
CAM RXY F . 1.98 9.20 8.13
CAL RXY F . 0.81 9.23 9.13
CAK RXY F . 0.56 10.29 9.90
CAJ RXY F . 1.45 11.54 9.84
CAI RXY F . 0.70 12.76 10.37
CAH RXY F . 0.96 13.99 9.50
CAG RXY F . 2.47 14.36 9.41
CAF RXY F . 2.79 15.25 8.19
CAE RXY F . 4.20 14.95 7.60
H1 RXY F . 3.76 24.11 11.57
H2 RXY F . 3.63 23.20 10.29
H3 RXY F . 4.99 23.23 11.10
H4 RXY F . 3.76 21.27 11.60
H5 RXY F . 4.00 22.14 12.89
H6 RXY F . 1.56 21.95 11.48
H7 RXY F . 1.78 23.02 12.62
H9 RXY F . 1.51 21.56 14.22
H8 RXY F . 2.28 20.43 13.45
H10 RXY F . -0.28 21.03 12.52
H11 RXY F . -0.21 20.22 13.87
H13 RXY F . -0.14 18.43 12.60
H12 RXY F . 1.37 18.81 12.35
H15 RXY F . -0.03 20.20 10.54
H14 RXY F . -0.63 18.74 10.51
H17 RXY F . 2.17 19.15 10.16
H16 RXY F . 1.37 17.83 9.81
H18 RXY F . 0.25 19.59 8.15
H19 RXY F . 1.89 19.72 6.63
H21 RXY F . 3.72 19.18 8.72
H20 RXY F . 3.60 18.00 7.67
H23 RXY F . 5.26 19.99 7.38
H22 RXY F . 4.06 20.47 6.49
H25 RXY F . 4.74 19.23 4.88
H24 RXY F . 4.61 17.94 5.78
H26 RXY F . 6.79 18.03 6.42
H27 RXY F . 6.95 19.51 5.87
H28 RXY F . 6.35 17.58 3.94
H29 RXY F . 7.32 18.82 3.80
H31 RXY F . 8.09 16.51 5.25
H30 RXY F . 9.05 17.68 4.80
H32 RXY F . 7.82 15.88 2.97
H33 RXY F . 8.82 17.01 2.55
H34 RXY F . 8.70 14.17 1.59
H35 RXY F . 11.20 12.80 1.58
H36 RXY F . 11.10 14.36 1.31
H39 RXY F . 12.96 11.31 -2.48
H38 RXY F . 11.75 10.60 -3.23
H41 RXY F . 12.05 9.48 -1.20
H40 RXY F . 12.01 10.84 -0.40
H42 RXY F . 9.82 10.50 -1.77
H44 RXY F . 10.01 9.38 -0.85
H46 RXY F . 8.00 12.11 1.37
H45 RXY F . 9.38 11.50 1.89
H47 RXY F . 4.98 13.00 3.22
H48 RXY F . 5.54 11.64 2.65
H49 RXY F . 5.60 11.60 5.37
H50 RXY F . 4.92 10.56 4.42
H51 RXY F . 3.38 12.80 4.58
H52 RXY F . 3.63 12.20 6.02
H54 RXY F . 2.51 10.67 3.89
H53 RXY F . 1.62 11.35 5.00
H55 RXY F . 3.46 9.81 6.23
H56 RXY F . 2.72 8.92 5.14
H57 RXY F . 0.90 10.27 6.71
H58 RXY F . 0.93 8.72 6.39
H60 RXY F . 2.40 8.32 8.16
H59 RXY F . 2.63 9.87 8.38
H61 RXY F . 0.26 8.48 9.20
H62 RXY F . -0.15 10.28 10.48
H63 RXY F . 2.25 11.39 10.36
H64 RXY F . 1.69 11.71 8.91
H66 RXY F . 1.01 12.94 11.28
H65 RXY F . -0.25 12.57 10.40
H68 RXY F . 0.64 13.82 8.61
H67 RXY F . 0.48 14.75 9.87
H69 RXY F . 2.73 14.83 10.23
H70 RXY F . 2.99 13.55 9.35
H71 RXY F . 2.13 15.10 7.51
H72 RXY F . 2.76 16.18 8.46
H203 RXY F . 4.86 15.00 8.31
H73 RXY F . 4.41 15.61 6.92
H74 RXY F . 4.20 14.06 7.22
CBE RXY G . -1.95 26.62 2.98
CBF RXY G . -1.67 25.13 3.04
CBG RXY G . -1.45 24.53 1.65
CBH RXY G . -0.62 23.25 1.72
CBI RXY G . -0.86 22.31 0.53
CBJ RXY G . -0.05 21.02 0.67
CBK RXY G . -0.91 19.83 1.15
CBL RXY G . -1.65 20.11 2.47
CBM RXY G . -0.64 20.31 3.61
CBN RXY G . -1.04 20.58 4.87
CBO RXY G . -2.53 20.70 5.25
CBP RXY G . -2.78 22.02 6.01
CBQ RXY G . -3.83 21.82 7.13
CBR RXY G . -4.50 23.13 7.59
CBS RXY G . -6.02 22.97 7.78
CBT RXY G . -6.63 24.00 8.74
CBU RXY G . -8.02 23.55 9.22
CBV RXY G . -8.61 24.44 10.32
OBY RXY G . -7.97 25.35 10.75
OBW RXY G . -9.90 24.20 10.83
CAW RXY G . -10.06 22.92 11.40
CAX RXY G . -11.03 23.01 12.57
OAY RXY G . -11.33 21.71 13.03
PAZ RXY G . -12.92 21.25 13.13
OBX RXY G . -13.47 21.04 11.74
OAB RXY G . -13.03 19.97 13.94
OBA RXY G . -13.77 22.44 13.89
CBB RXY G . -13.34 22.88 15.15
CBC RXY G . -14.47 22.61 16.16
NBD RXY G . -14.10 21.50 17.05
CAV RXY G . -10.62 21.94 10.36
OAU RXY G . -9.92 20.72 10.49
CAT RXY G . -9.87 19.95 9.29
OAA RXY G . -10.85 19.85 8.62
CAS RXY G . -8.55 19.26 8.83
CAR RXY G . -8.17 19.60 7.39
CAQ RXY G . -7.59 18.40 6.61
CAP RXY G . -6.21 18.66 6.01
CAO RXY G . -6.20 18.68 4.46
CAN RXY G . -5.47 17.46 3.82
CAM RXY G . -6.35 16.18 3.87
CAL RXY G . -5.63 15.01 3.17
CAK RXY G . -6.17 13.78 3.14
CAJ RXY G . -7.52 13.48 3.79
CAI RXY G . -7.27 12.99 5.21
CAH RXY G . -8.35 13.48 6.19
CAG RXY G . -7.87 13.49 7.66
CAF RXY G . -6.76 14.53 7.88
CAE RXY G . -6.84 15.22 9.26
H1 RXY G . -2.09 26.96 3.87
H2 RXY G . -2.73 26.77 2.43
H3 RXY G . -1.18 27.07 2.58
H4 RXY G . -2.42 24.68 3.47
H5 RXY G . -0.87 24.98 3.58
H6 RXY G . -2.32 24.34 1.26
H7 RXY G . -1.00 25.19 1.10
H9 RXY G . 0.32 23.49 1.73
H8 RXY G . -0.84 22.78 2.53
H10 RXY G . -0.60 22.76 -0.30
H11 RXY G . -1.80 22.09 0.48
H13 RXY G . 0.66 21.16 1.30
H12 RXY G . 0.34 20.79 -0.19
H15 RXY G . -0.33 19.05 1.28
H14 RXY G . -1.56 19.61 0.47
H17 RXY G . -2.23 19.36 2.69
H16 RXY G . -2.19 20.91 2.37
H18 RXY G . 0.27 20.24 3.42
H19 RXY G . -0.39 20.69 5.53
H21 RXY G . -2.78 19.95 5.81
H20 RXY G . -3.06 20.69 4.43
H23 RXY G . -1.96 22.33 6.40
H22 RXY G . -3.11 22.69 5.39
H25 RXY G . -4.52 21.22 6.81
H24 RXY G . -3.39 21.42 7.89
H26 RXY G . -4.10 23.40 8.43
H27 RXY G . -4.34 23.81 6.92
H28 RXY G . -6.45 23.05 6.92
H29 RXY G . -6.19 22.08 8.13
H31 RXY G . -6.05 24.11 9.51
H30 RXY G . -6.71 24.85 8.28
H32 RXY G . -8.63 23.55 8.46
H33 RXY G . -7.95 22.64 9.57
H34 RXY G . -9.19 22.61 11.70
H35 RXY G . -10.63 23.53 13.30
H36 RXY G . -11.85 23.45 12.29
H39 RXY G . -12.54 22.40 15.41
H38 RXY G . -13.15 23.84 15.12
H41 RXY G . -14.62 23.41 16.69
H40 RXY G . -15.28 22.38 15.69
H42 RXY G . -13.26 21.26 16.90
H44 RXY G . -14.19 21.77 17.89
H46 RXY G . -10.50 22.30 9.47
H45 RXY G . -11.56 21.79 10.53
H47 RXY G . -8.67 18.30 8.92
H48 RXY G . -7.84 19.54 9.42
H49 RXY G . -8.96 19.92 6.93
H50 RXY G . -7.51 20.31 7.40
H51 RXY G . -7.53 17.66 7.22
H52 RXY G . -8.21 18.19 5.90
H54 RXY G . -5.60 17.97 6.30
H53 RXY G . -5.88 19.53 6.33
H55 RXY G . -7.12 18.69 4.15
H56 RXY G . -5.77 19.50 4.16
H57 RXY G . -5.26 17.67 2.90
H58 RXY G . -4.65 17.30 4.30
H60 RXY G . -7.19 16.35 3.42
H59 RXY G . -6.53 15.95 4.80
H61 RXY G . -4.81 15.16 2.77
H62 RXY G . -5.70 13.08 2.73
H63 RXY G . -8.06 14.28 3.80
H64 RXY G . -7.98 12.79 3.28
H66 RXY G . -6.40 13.32 5.51
H65 RXY G . -7.25 12.02 5.21
H68 RXY G . -8.61 14.37 5.93
H67 RXY G . -9.12 12.89 6.11
H69 RXY G . -7.54 12.61 7.90
H70 RXY G . -8.62 13.70 8.24
H71 RXY G . -5.89 14.09 7.80
H72 RXY G . -6.82 15.21 7.18
H203 RXY G . -6.30 14.73 9.90
H73 RXY G . -6.51 16.14 9.19
H74 RXY G . -7.77 15.24 9.56
CBE RXY H . 0.73 -21.53 -4.73
CBF RXY H . 0.80 -20.29 -3.84
CBG RXY H . 2.17 -20.07 -3.22
CBH RXY H . 2.58 -18.59 -3.23
CBI RXY H . 2.16 -17.85 -1.94
CBJ RXY H . 2.22 -16.32 -2.12
CBK RXY H . 0.99 -15.60 -1.53
CBL RXY H . -0.36 -16.19 -2.01
CBM RXY H . -1.49 -15.22 -1.65
CBN RXY H . -2.76 -15.54 -1.89
CBO RXY H . -3.14 -16.89 -2.52
CBP RXY H . -2.91 -16.82 -4.05
CBQ RXY H . -3.31 -18.09 -4.84
CBR RXY H . -3.17 -19.42 -4.08
CBS RXY H . -2.32 -20.46 -4.84
CBT RXY H . -3.14 -21.45 -5.69
CBU RXY H . -2.35 -22.73 -5.98
CBV RXY H . -3.27 -23.94 -6.30
OBY RXY H . -4.30 -24.07 -5.73
OBW RXY H . -2.89 -24.87 -7.29
CAW RXY H . -3.34 -26.19 -7.08
CAX RXY H . -4.80 -26.27 -7.56
OAY RXY H . -5.01 -27.52 -8.19
PAZ RXY H . -6.36 -28.41 -7.82
OBX RXY H . -7.02 -27.85 -6.58
OAB RXY H . -5.93 -29.84 -7.55
OBA RXY H . -7.42 -28.39 -9.09
CBB RXY H . -8.15 -27.22 -9.35
CBC RXY H . -9.50 -27.62 -10.00
NBD RXY H . -10.51 -26.62 -9.71
CAV RXY H . -2.42 -27.15 -7.83
OAU RXY H . -1.27 -27.37 -7.04
CAT RXY H . -0.06 -26.88 -7.60
OAA RXY H . 0.50 -27.49 -8.46
CAS RXY H . 0.53 -25.53 -7.10
CAR RXY H . 2.01 -25.30 -7.46
CAQ RXY H . 2.55 -24.07 -6.70
CAP RXY H . 3.68 -23.30 -7.41
CAO RXY H . 3.97 -21.95 -6.72
CAN RXY H . 5.47 -21.54 -6.76
CAM RXY H . 5.66 -19.99 -6.74
CAL RXY H . 5.21 -19.44 -5.37
CAK RXY H . 6.04 -18.90 -4.46
CAJ RXY H . 7.56 -18.77 -4.66
CAI RXY H . 8.27 -19.08 -3.33
CAH RXY H . 9.52 -19.96 -3.55
CAG RXY H . 9.23 -21.48 -3.39
CAF RXY H . 9.39 -22.27 -4.71
CAE RXY H . 8.92 -23.76 -4.62
H1 RXY H . 0.35 -22.27 -4.23
H2 RXY H . 1.63 -21.76 -5.03
H3 RXY H . 0.18 -21.34 -5.50
H4 RXY H . 0.15 -20.38 -3.12
H5 RXY H . 0.57 -19.51 -4.37
H6 RXY H . 2.16 -20.38 -2.31
H7 RXY H . 2.83 -20.58 -3.72
H9 RXY H . 3.55 -18.52 -3.33
H8 RXY H . 2.17 -18.15 -3.99
H10 RXY H . 2.76 -18.11 -1.23
H11 RXY H . 1.25 -18.10 -1.71
H13 RXY H . 2.26 -16.12 -3.07
H12 RXY H . 3.02 -15.98 -1.69
H15 RXY H . 1.03 -15.65 -0.56
H14 RXY H . 1.02 -14.66 -1.79
H17 RXY H . -0.33 -16.32 -2.96
H16 RXY H . -0.51 -17.03 -1.56
H18 RXY H . -1.29 -14.40 -1.26
H19 RXY H . -3.43 -14.93 -1.66
H21 RXY H . -4.08 -17.07 -2.34
H20 RXY H . -2.60 -17.59 -2.14
H23 RXY H . -3.42 -16.08 -4.40
H22 RXY H . -1.97 -16.66 -4.19
H25 RXY H . -4.25 -18.00 -5.11
H24 RXY H . -2.76 -18.14 -5.63
H26 RXY H . -4.06 -19.79 -3.94
H27 RXY H . -2.76 -19.24 -3.22
H28 RXY H . -1.71 -19.98 -5.44
H29 RXY H . -1.79 -20.97 -4.20
H31 RXY H . -3.38 -21.03 -6.52
H30 RXY H . -3.95 -21.67 -5.20
H32 RXY H . -1.76 -22.58 -6.74
H33 RXY H . -1.81 -22.96 -5.21
H34 RXY H . -3.31 -26.43 -6.14
H35 RXY H . -4.97 -25.55 -8.18
H36 RXY H . -5.39 -26.19 -6.79
H39 RXY H . -8.31 -26.74 -8.53
H38 RXY H . -7.65 -26.66 -9.97
H41 RXY H . -9.78 -28.47 -9.65
H40 RXY H . -9.38 -27.68 -10.96
H42 RXY H . -11.12 -26.97 -9.16
H44 RXY H . -10.14 -25.92 -9.33
H46 RXY H . -2.18 -26.77 -8.68
H45 RXY H . -2.89 -28.00 -7.97
H47 RXY H . 0.00 -24.81 -7.47
H48 RXY H . 0.46 -25.52 -6.13
H49 RXY H . 2.08 -25.14 -8.42
H50 RXY H . 2.53 -26.07 -7.22
H51 RXY H . 1.80 -23.46 -6.55
H52 RXY H . 2.88 -24.36 -5.84
H54 RXY H . 4.49 -23.84 -7.41
H53 RXY H . 3.42 -23.13 -8.33
H55 RXY H . 3.44 -21.26 -7.15
H56 RXY H . 3.69 -22.02 -5.79
H57 RXY H . 5.93 -21.93 -6.00
H58 RXY H . 5.86 -21.89 -7.58
H60 RXY H . 5.13 -19.59 -7.44
H59 RXY H . 6.60 -19.79 -6.88
H61 RXY H . 4.30 -19.47 -5.15
H62 RXY H . 5.68 -18.60 -3.65
H63 RXY H . 7.78 -17.87 -4.94
H64 RXY H . 7.85 -19.40 -5.34
H66 RXY H . 7.66 -19.55 -2.75
H65 RXY H . 8.53 -18.25 -2.91
H68 RXY H . 10.20 -19.69 -2.91
H67 RXY H . 9.87 -19.80 -4.45
H69 RXY H . 8.32 -21.59 -3.08
H70 RXY H . 9.83 -21.84 -2.74
H71 RXY H . 8.88 -21.82 -5.41
H72 RXY H . 10.33 -22.25 -4.97
H203 RXY H . 9.36 -24.18 -3.86
H73 RXY H . 7.96 -23.78 -4.49
H74 RXY H . 9.17 -24.22 -5.43
CBE RXY I . 8.89 -12.45 -5.81
CBE RXY I . -0.95 -25.31 -12.66
CBF RXY I . 7.90 -13.48 -6.37
CBF RXY I . -0.06 -26.05 -11.66
CBG RXY I . 6.44 -13.13 -6.06
CBG RXY I . 1.43 -25.91 -11.97
CBH RXY I . 5.48 -14.25 -6.44
CBH RXY I . 1.90 -24.44 -11.91
CBI RXY I . 4.01 -13.95 -6.06
CBI RXY I . 3.40 -24.31 -11.64
CBJ RXY I . 3.01 -14.61 -7.02
CBJ RXY I . 4.14 -23.65 -12.82
CBK RXY I . 1.58 -14.74 -6.42
CBK RXY I . 5.67 -23.49 -12.60
CBL RXY I . 0.58 -15.34 -7.43
CBL RXY I . 6.03 -23.12 -11.13
CBM RXY I . 0.41 -16.84 -7.16
CBM RXY I . 7.44 -22.53 -11.10
CBN RXY I . -0.10 -17.65 -8.10
CBN RXY I . 7.97 -22.17 -9.92
CBO RXY I . -0.25 -19.14 -7.80
CBO RXY I . 9.39 -21.56 -9.88
CBP RXY I . -0.14 -19.97 -9.11
CBP RXY I . 9.75 -21.21 -8.41
CBQ RXY I . -1.52 -20.35 -9.70
CBQ RXY I . 11.03 -20.36 -8.33
CBR RXY I . -1.59 -21.84 -10.11
CBR RXY I . 10.81 -19.05 -7.54
CBS RXY I . -3.03 -22.28 -10.48
CBS RXY I . 12.14 -18.40 -7.13
CBT RXY I . -3.11 -23.78 -10.76
CBT RXY I . 12.00 -16.95 -6.65
CBU RXY I . -3.81 -24.07 -12.10
CBU RXY I . 13.07 -16.04 -7.28
CBV RXY I . -3.89 -25.59 -12.40
CBV RXY I . 13.61 -14.93 -6.33
OBY RXY I . -4.95 -26.12 -12.44
OBY RXY I . 13.17 -14.81 -5.22
OBW RXY I . -2.72 -26.34 -12.62
OBW RXY I . 14.62 -14.08 -6.79
CAW RXY I . -2.40 -27.20 -11.57
CAW RXY I . 14.78 -12.90 -6.05
CAX RXY I . -2.42 -28.66 -12.04
CAX RXY I . 16.01 -12.17 -6.61
OAY RXY I . -1.55 -28.81 -13.13
OAY RXY I . 16.94 -13.15 -7.02
PAZ RXY I . -1.34 -30.34 -13.75
PAZ RXY I . 17.84 -13.91 -5.86
OBX RXY I . 0.00 -30.47 -14.43
OBX RXY I . 18.80 -12.92 -5.25
OAB RXY I . -1.44 -31.34 -12.62
OAB RXY I . 16.92 -14.43 -4.78
OBA RXY I . -2.55 -30.62 -14.85
OBA RXY I . 18.69 -15.18 -6.53
CBB RXY I . -3.24 -29.53 -15.39
CBB RXY I . 20.08 -15.12 -6.59
CBC RXY I . -4.36 -30.06 -16.31
CBC RXY I . 20.51 -14.97 -8.06
NBD RXY I . -3.82 -30.44 -17.61
NBD RXY I . 20.89 -16.26 -8.61
CAV RXY I . -0.99 -26.88 -11.05
CAV RXY I . 13.55 -12.01 -6.17
OAU RXY I . -0.09 -26.83 -12.13
OAU RXY I . 12.65 -12.34 -5.15
CAT RXY I . 0.49 -25.54 -12.33
CAT RXY I . 11.61 -11.38 -4.96
OAA RXY I . -0.22 -24.59 -12.43
OAA RXY I . 11.76 -10.53 -4.15
CAS RXY I . 2.03 -25.39 -12.44
CAS RXY I . 10.32 -11.44 -5.83
CAR RXY I . 2.52 -24.02 -11.95
CAR RXY I . 9.44 -12.67 -5.58
CAQ RXY I . 3.93 -23.67 -12.47
CAQ RXY I . 8.05 -12.50 -6.22
CAP RXY I . 4.97 -23.49 -11.34
CAP RXY I . 7.14 -13.75 -6.08
CAO RXY I . 6.04 -22.42 -11.68
CAO RXY I . 5.81 -13.45 -5.35
CAN RXY I . 7.44 -22.78 -11.14
CAN RXY I . 4.58 -13.35 -6.31
CAM RXY I . 8.05 -21.66 -10.23
CAM RXY I . 3.52 -14.48 -6.11
CAL RXY I . 9.04 -22.32 -9.24
CAL RXY I . 2.10 -13.88 -6.19
CAK RXY I . 9.88 -21.59 -8.49
CAK RXY I . 1.06 -14.60 -6.65
CAJ RXY I . 9.89 -20.06 -8.56
CAJ RXY I . 1.24 -16.06 -7.11
CAI RXY I . 11.04 -19.54 -7.71
CAI RXY I . -0.11 -16.68 -7.47
CAH RXY I . 10.88 -18.07 -7.29
CAH RXY I . 0.00 -17.68 -8.62
CAG RXY I . 12.22 -17.30 -7.38
CAG RXY I . -0.71 -19.03 -8.32
CAF RXY I . 12.30 -16.14 -6.38
CAF RXY I . -0.34 -20.12 -9.34
CAE RXY I . 13.51 -15.20 -6.66
CAE RXY I . -1.47 -21.18 -9.51
H1 RXY I . 8.72 -12.32 -4.86
H1 RXY I . -0.77 -25.61 -13.55
H2 RXY I . 8.77 -11.61 -6.28
H2 RXY I . -0.78 -24.35 -12.60
H3 RXY I . 9.79 -12.76 -5.94
H3 RXY I . -1.89 -25.48 -12.45
H4 RXY I . 8.09 -14.34 -5.99
H4 RXY I . -0.30 -26.99 -11.68
H5 RXY I . 8.01 -13.53 -7.33
H5 RXY I . -0.23 -25.70 -10.77
H6 RXY I . 6.36 -12.96 -5.11
H6 RXY I . 1.93 -26.43 -11.33
H7 RXY I . 6.20 -12.33 -6.54
H7 RXY I . 1.59 -26.25 -12.86
H9 RXY I . 5.52 -14.38 -7.40
H9 RXY I . 1.41 -23.99 -11.21
H8 RXY I . 5.75 -15.07 -6.01
H8 RXY I . 1.69 -24.02 -12.77
H10 RXY I . 3.85 -14.29 -5.16
H10 RXY I . 3.79 -25.19 -11.48
H11 RXY I . 3.87 -13.00 -6.07
H11 RXY I . 3.53 -23.77 -10.85
H13 RXY I . 2.95 -14.09 -7.83
H13 RXY I . 4.00 -24.19 -13.61
H12 RXY I . 3.32 -15.50 -7.24
H12 RXY I . 3.76 -22.77 -12.97
H15 RXY I . 1.28 -13.86 -6.15
H15 RXY I . 6.00 -22.79 -13.18
H14 RXY I . 1.62 -15.31 -5.64
H14 RXY I . 6.11 -24.32 -12.82
H17 RXY I . -0.28 -14.89 -7.34
H17 RXY I . 6.00 -23.92 -10.59
H16 RXY I . 0.91 -15.21 -8.33
H16 RXY I . 5.39 -22.47 -10.80
H18 RXY I . 0.67 -17.19 -6.33
H18 RXY I . 7.93 -22.42 -11.89
H19 RXY I . -0.35 -17.29 -8.92
H19 RXY I . 7.50 -22.28 -9.14
H21 RXY I . -1.12 -19.31 -7.40
H21 RXY I . 9.43 -20.76 -10.43
H20 RXY I . 0.45 -19.43 -7.18
H20 RXY I . 10.03 -22.22 -10.22
H23 RXY I . 0.35 -19.46 -9.75
H23 RXY I . 9.01 -20.72 -8.02
H22 RXY I . 0.35 -20.79 -8.91
H22 RXY I . 9.89 -22.03 -7.91
H25 RXY I . -1.68 -19.80 -10.48
H25 RXY I . 11.32 -20.13 -9.23
H24 RXY I . -2.20 -20.17 -9.04
H24 RXY I . 11.73 -20.87 -7.89
H26 RXY I . -1.01 -21.98 -10.87
H26 RXY I . 10.29 -19.25 -6.74
H27 RXY I . -1.28 -22.38 -9.36
H27 RXY I . 10.31 -18.43 -8.09
H28 RXY I . -3.31 -21.79 -11.27
H28 RXY I . 12.53 -18.93 -6.41
H29 RXY I . -3.61 -22.06 -9.74
H29 RXY I . 12.74 -18.42 -7.89
H31 RXY I . -3.61 -24.21 -10.05
H31 RXY I . 11.12 -16.62 -6.90
H30 RXY I . -2.21 -24.15 -10.79
H30 RXY I . 12.07 -16.92 -5.68
H32 RXY I . -3.33 -23.63 -12.82
H32 RXY I . 12.69 -15.61 -8.06
H33 RXY I . -4.72 -23.71 -12.06
H33 RXY I . 13.82 -16.59 -7.55
H34 RXY I . -3.06 -27.08 -10.87
H34 RXY I . 14.89 -13.11 -5.11
H35 RXY I . -2.14 -29.24 -11.31
H35 RXY I . 16.40 -11.61 -5.91
H36 RXY I . -3.32 -28.90 -12.31
H36 RXY I . 15.75 -11.62 -7.36
H39 RXY I . -3.64 -29.02 -14.66
H39 RXY I . 20.39 -14.35 -6.08
H38 RXY I . -2.63 -28.97 -15.89
H38 RXY I . 20.45 -15.93 -6.21
H41 RXY I . -5.02 -29.36 -16.44
H41 RXY I . 19.76 -14.62 -8.57
H40 RXY I . -4.78 -30.83 -15.91
H40 RXY I . 21.26 -14.36 -8.12
H42 RXY I . -2.93 -30.39 -17.60
H42 RXY I . 20.46 -16.40 -9.38
H44 RXY I . -4.07 -31.28 -17.80
H44 RXY I . 20.69 -16.91 -8.03
H46 RXY I . -0.72 -27.57 -10.42
H46 RXY I . 13.13 -12.15 -7.04
H45 RXY I . -1.01 -26.02 -10.59
H45 RXY I . 13.82 -11.07 -6.10
H47 RXY I . 2.45 -26.08 -11.89
H47 RXY I . 10.59 -11.43 -6.76
H48 RXY I . 2.30 -25.51 -13.35
H48 RXY I . 9.80 -10.64 -5.64
H49 RXY I . 2.54 -24.02 -10.97
H49 RXY I . 9.34 -12.79 -4.62
H50 RXY I . 1.90 -23.34 -12.24
H50 RXY I . 9.88 -13.45 -5.95
H51 RXY I . 3.87 -22.84 -12.98
H51 RXY I . 8.17 -12.32 -7.16
H52 RXY I . 4.23 -24.38 -13.06
H52 RXY I . 7.61 -11.76 -5.80
H54 RXY I . 5.41 -24.34 -11.18
H54 RXY I . 6.95 -14.10 -6.96
H53 RXY I . 4.51 -23.22 -10.52
H53 RXY I . 7.62 -14.43 -5.57
H55 RXY I . 5.76 -21.57 -11.32
H55 RXY I . 5.90 -12.60 -4.88
H56 RXY I . 6.09 -22.35 -12.65
H56 RXY I . 5.64 -14.15 -4.71
H57 RXY I . 7.38 -23.60 -10.61
H57 RXY I . 4.15 -12.49 -6.17
H58 RXY I . 8.04 -22.93 -11.88
H58 RXY I . 4.90 -13.39 -7.23
H60 RXY I . 7.35 -21.22 -9.72
H60 RXY I . 3.64 -15.15 -6.80
H59 RXY I . 8.52 -21.01 -10.78
H59 RXY I . 3.65 -14.89 -5.23
H61 RXY I . 9.08 -23.25 -9.18
H61 RXY I . 1.96 -13.01 -5.93
H62 RXY I . 10.46 -22.03 -7.91
H62 RXY I . 0.22 -14.21 -6.68
H63 RXY I . 9.05 -19.71 -8.22
H63 RXY I . 1.66 -16.57 -6.41
H64 RXY I . 10.00 -19.77 -9.48
H64 RXY I . 1.82 -16.07 -7.90
H66 RXY I . 11.86 -19.63 -8.22
H66 RXY I . -0.46 -17.12 -6.68
H65 RXY I . 11.11 -20.09 -6.92
H65 RXY I . -0.72 -15.97 -7.73
H68 RXY I . 10.55 -18.03 -6.39
H68 RXY I . -0.40 -17.28 -9.42
H67 RXY I . 10.23 -17.65 -7.88
H67 RXY I . 0.93 -17.86 -8.80
H69 RXY I . 12.31 -16.94 -8.28
H69 RXY I . -0.47 -19.33 -7.43
H70 RXY I . 12.95 -17.91 -7.21
H70 RXY I . -1.68 -18.88 -8.34
H71 RXY I . 11.49 -15.61 -6.42
H71 RXY I . -0.18 -19.71 -10.20
H72 RXY I . 12.40 -16.50 -5.48
H72 RXY I . 0.46 -20.57 -9.04
H203 RXY I . 13.35 -14.71 -7.49
H203 RXY I . -1.11 -21.97 -9.95
H73 RXY I . 13.61 -14.57 -5.93
H73 RXY I . -2.18 -20.82 -10.05
H74 RXY I . 14.32 -15.73 -6.76
H74 RXY I . -1.82 -21.43 -8.64
CBE RXY J . 5.32 -12.74 -10.75
CBF RXY J . 3.89 -13.29 -10.84
CBG RXY J . 2.87 -12.17 -10.98
CBH RXY J . 1.42 -12.68 -11.04
CBI RXY J . 0.48 -11.82 -10.17
CBJ RXY J . 0.41 -10.37 -10.68
CBK RXY J . -0.06 -9.38 -9.59
CBL RXY J . 1.00 -9.19 -8.48
CBM RXY J . 2.06 -8.24 -9.00
CBN RXY J . 3.22 -8.06 -8.36
CBO RXY J . 3.55 -8.82 -7.06
CBP RXY J . 4.63 -9.86 -7.41
CBQ RXY J . 5.79 -9.21 -8.18
CBR RXY J . 7.07 -10.08 -8.11
CBS RXY J . 8.17 -9.59 -9.09
CBT RXY J . 8.78 -8.26 -8.61
CBU RXY J . 10.02 -8.46 -7.75
CBV RXY J . 11.14 -7.46 -8.12
OBY RXY J . 10.87 -6.51 -8.76
OBW RXY J . 12.47 -7.69 -7.69
CAW RXY J . 13.46 -7.05 -8.44
CAX RXY J . 14.82 -7.25 -7.80
OAY RXY J . 14.78 -6.79 -6.46
PAZ RXY J . 16.17 -6.95 -5.59
OBX RXY J . 17.32 -6.36 -6.37
OAB RXY J . 16.04 -6.22 -4.25
OBA RXY J . 16.45 -8.57 -5.34
CBB RXY J . 17.02 -8.98 -4.12
CBC RXY J . 15.95 -8.85 -3.02
NBD RXY J . 15.80 -10.11 -2.30
CAV RXY J . 13.50 -7.64 -9.85
OAU RXY J . 13.72 -9.04 -9.73
CAT RXY J . 12.60 -9.86 -10.07
OAA RXY J . 11.58 -9.36 -10.44
CAS RXY J . 12.71 -11.41 -9.97
CAR RXY J . 11.32 -12.06 -10.05
CAQ RXY J . 11.32 -13.60 -10.11
CAP RXY J . 9.95 -14.12 -10.61
CAO RXY J . 9.63 -15.58 -10.20
CAN RXY J . 8.10 -15.82 -10.11
CAM RXY J . 7.65 -17.21 -10.66
CAL RXY J . 6.47 -17.73 -9.80
CAK RXY J . 5.20 -17.78 -10.23
CAJ RXY J . 4.79 -17.30 -11.64
CAI RXY J . 3.37 -17.77 -11.93
CAH RXY J . 3.12 -18.01 -13.43
CAG RXY J . 2.71 -19.48 -13.74
CAF RXY J . 3.35 -19.99 -15.05
CAE RXY J . 4.70 -20.71 -14.78
H1 RXY J . 5.54 -12.29 -11.58
H2 RXY J . 5.94 -13.47 -10.60
H3 RXY J . 5.38 -12.11 -10.02
H4 RXY J . 3.82 -13.87 -11.62
H5 RXY J . 3.69 -13.80 -10.05
H6 RXY J . 2.96 -11.58 -10.21
H7 RXY J . 3.05 -11.67 -11.78
H9 RXY J . 1.12 -12.65 -11.96
H8 RXY J . 1.40 -13.59 -10.72
H10 RXY J . -0.41 -12.20 -10.19
H11 RXY J . 0.80 -11.82 -9.25
H13 RXY J . 1.29 -10.10 -10.99
H12 RXY J . -0.21 -10.33 -11.43
H15 RXY J . -0.23 -8.52 -10.00
H14 RXY J . -0.87 -9.71 -9.19
H17 RXY J . 1.40 -10.05 -8.26
H16 RXY J . 0.58 -8.83 -7.68
H18 RXY J . 1.90 -7.76 -9.77
H19 RXY J . 3.84 -7.46 -8.70
H21 RXY J . 2.76 -9.27 -6.74
H20 RXY J . 3.88 -8.20 -6.39
H23 RXY J . 4.24 -10.56 -7.95
H22 RXY J . 4.97 -10.25 -6.59
H25 RXY J . 5.54 -9.10 -9.11
H24 RXY J . 5.98 -8.33 -7.80
H26 RXY J . 7.43 -10.04 -7.21
H27 RXY J . 6.85 -10.99 -8.33
H28 RXY J . 8.87 -10.26 -9.13
H29 RXY J . 7.78 -9.48 -9.97
H31 RXY J . 9.02 -7.73 -9.40
H30 RXY J . 8.11 -7.78 -8.10
H32 RXY J . 10.36 -9.37 -7.88
H33 RXY J . 9.79 -8.34 -6.82
H34 RXY J . 13.23 -6.10 -8.48
H35 RXY J . 15.05 -8.19 -7.81
H36 RXY J . 15.49 -6.74 -8.30
H39 RXY J . 17.78 -8.42 -3.91
H38 RXY J . 17.31 -9.90 -4.20
H41 RXY J . 15.10 -8.61 -3.43
H40 RXY J . 16.22 -8.16 -2.40
H42 RXY J . 15.88 -9.96 -1.43
H44 RXY J . 15.00 -10.45 -2.47
H46 RXY J . 12.66 -7.48 -10.32
H45 RXY J . 14.23 -7.24 -10.35
H47 RXY J . 13.26 -11.74 -10.70
H48 RXY J . 13.13 -11.64 -9.13
H49 RXY J . 10.87 -11.73 -10.84
H50 RXY J . 10.82 -11.79 -9.27
H51 RXY J . 12.01 -13.89 -10.72
H52 RXY J . 11.51 -13.96 -9.23
H54 RXY J . 9.93 -14.06 -11.58
H53 RXY J . 9.26 -13.55 -10.25
H55 RXY J . 10.01 -16.18 -10.86
H56 RXY J . 10.04 -15.76 -9.34
H57 RXY J . 7.83 -15.76 -9.19
H58 RXY J . 7.64 -15.13 -10.62
H60 RXY J . 8.38 -17.83 -10.63
H59 RXY J . 7.34 -17.11 -11.59
H61 RXY J . 6.66 -18.03 -8.94
H62 RXY J . 4.55 -18.10 -9.67
H63 RXY J . 4.84 -16.34 -11.68
H64 RXY J . 5.40 -17.68 -12.29
H66 RXY J . 2.75 -17.09 -11.62
H65 RXY J . 3.20 -18.59 -11.45
H68 RXY J . 3.94 -17.81 -13.91
H67 RXY J . 2.42 -17.41 -13.74
H69 RXY J . 2.99 -20.05 -13.01
H70 RXY J . 1.74 -19.52 -13.83
H71 RXY J . 2.74 -20.60 -15.48
H72 RXY J . 3.52 -19.23 -15.64
H203 RXY J . 5.05 -20.45 -13.92
H73 RXY J . 4.56 -21.68 -14.79
H74 RXY J . 5.34 -20.48 -15.47
#